data_5LVV
#
_entry.id   5LVV
#
_cell.length_a   98.533
_cell.length_b   98.533
_cell.length_c   367.200
_cell.angle_alpha   90.00
_cell.angle_beta   90.00
_cell.angle_gamma   120.00
#
_symmetry.space_group_name_H-M   'P 61 2 2'
#
loop_
_entity.id
_entity.type
_entity.pdbx_description
1 polymer 'UDP-N-acetylglucosamine--peptide N-acetylglucosaminyltransferase 110 kDa subunit,UDP-N-acetylglucosamine--peptide N-acetylglucosaminyltransferase 110 kDa subunit'
2 non-polymer "URIDINE-5'-DIPHOSPHATE"
3 non-polymer 2-acetamido-2-deoxy-beta-D-glucopyranose
4 water water
#
_entity_poly.entity_id   1
_entity_poly.type   'polypeptide(L)'
_entity_poly.pdbx_seq_one_letter_code
;HHHHHHVPYSSAQSTSKTSVTLSLGGGTHADSLNNLANIKREQGNIEEAVRLYRKALEVFPEFAAAHSNLASVLQQQGKL
QEALMHYKEAIRISPTFADAYSNMGNTLKEMQDVQGALQCYTRAIQINPAFADAHSNLASIHKDSGNIPEAIASYRTALK
LKPDFPDAYCNLAHCLQIVCDWTDYDERMKKLVSIVADQLEKNRLPSVHPHHSMLYPLSHGFRKAIAERHGNLCLDKINV
LHKPPYEHPKDLKLSDGRLRVGYVSSDFGNHPTSHLMQSIPGMHNPDKFEVFCYALSPDDGTNFRVKVMAEANHFIDLSQ
IPCNGKAADRIHQDGIHILVNMNGYTKGARNELFALRPAPIQAMWLGYPGTSGALFMDYIITDQETSPAEVAEQYSEKLA
YMPHTFFIGDHANMFPHLKKKAVIDFKSNGHIYDNRIVLNGIDLKAFLDSLPDVKIVKMKCPDGGDNADSSNTALNMPVI
PMNTIAEAVIEMINRGQIQITINGFSISNGLATTQINNKAATGEEVPRTIIVTTRSQYGLPEDAIVYCNFNQLYKIDPST
LQMWANILKRVPNSVLWLLRFPAVGEPNIQQYAQNMGLPQNRIIFSPVAPKEEHVRRGQLADVCLDTPLCNGHTTGMDVL
WAGTPMVTMPGETLASRVAASQLTCLGCLELIAKNRQEYEDIAVKLGTDLEYLKKVRGKVWKQRISSPLFNTKQYTMELE
RLYLQMWEHYAAGNKPDHMIKPVEVTESA
;
_entity_poly.pdbx_strand_id   A
#
loop_
_chem_comp.id
_chem_comp.type
_chem_comp.name
_chem_comp.formula
NAG D-saccharide, beta linking 2-acetamido-2-deoxy-beta-D-glucopyranose 'C8 H15 N O6'
UDP RNA linking URIDINE-5'-DIPHOSPHATE 'C9 H14 N2 O12 P2'
#
# COMPACT_ATOMS: atom_id res chain seq x y z
N HIS A 5 0.25 17.37 0.98
CA HIS A 5 1.21 16.96 -0.04
C HIS A 5 2.11 15.79 0.40
N HIS A 6 1.87 15.23 1.58
CA HIS A 6 2.68 14.12 2.03
C HIS A 6 2.46 12.93 1.11
N VAL A 7 3.49 12.13 0.90
CA VAL A 7 3.36 10.99 0.01
C VAL A 7 2.34 9.97 0.45
N PRO A 8 1.56 9.45 -0.47
CA PRO A 8 0.57 8.43 -0.15
C PRO A 8 1.13 7.09 -0.46
N TYR A 9 0.69 6.05 0.23
CA TYR A 9 1.20 4.72 0.01
C TYR A 9 0.20 3.74 0.52
N SER A 10 0.38 2.48 0.24
CA SER A 10 -0.56 1.50 0.72
C SER A 10 -0.33 1.39 2.22
N SER A 11 -1.37 1.55 3.02
CA SER A 11 -1.27 1.43 4.47
C SER A 11 -2.46 0.66 4.93
N ALA A 12 -2.36 0.00 6.08
CA ALA A 12 -3.46 -0.77 6.64
C ALA A 12 -4.51 0.09 7.30
N GLN A 13 -5.61 -0.52 7.69
CA GLN A 13 -6.68 0.19 8.34
C GLN A 13 -6.36 0.56 9.77
N SER A 14 -6.88 1.68 10.26
CA SER A 14 -6.63 2.10 11.64
C SER A 14 -7.34 1.13 12.56
N THR A 15 -6.84 0.96 13.76
CA THR A 15 -7.47 0.04 14.67
C THR A 15 -7.53 0.62 16.07
N SER A 16 -8.49 0.21 16.85
CA SER A 16 -8.62 0.70 18.20
C SER A 16 -9.07 -0.40 19.13
N LYS A 17 -8.88 -0.20 20.42
CA LYS A 17 -9.27 -1.18 21.40
C LYS A 17 -10.42 -0.70 22.23
N THR A 18 -11.47 -1.50 22.27
CA THR A 18 -12.66 -1.21 23.02
C THR A 18 -12.59 -1.91 24.36
N SER A 19 -13.03 -1.24 25.41
CA SER A 19 -13.01 -1.83 26.72
C SER A 19 -14.41 -2.09 27.18
N VAL A 20 -14.64 -3.30 27.67
CA VAL A 20 -15.94 -3.67 28.17
C VAL A 20 -15.91 -3.52 29.66
N THR A 21 -16.99 -3.00 30.22
CA THR A 21 -17.07 -2.77 31.63
C THR A 21 -17.95 -3.74 32.35
N LEU A 22 -17.52 -4.17 33.52
CA LEU A 22 -18.31 -5.07 34.30
C LEU A 22 -18.94 -4.25 35.39
N SER A 23 -20.19 -4.53 35.69
CA SER A 23 -20.87 -3.80 36.72
C SER A 23 -21.11 -4.70 37.88
N LEU A 24 -20.67 -4.27 39.05
CA LEU A 24 -20.83 -5.03 40.27
C LEU A 24 -21.37 -4.19 41.39
N GLY A 25 -22.03 -4.83 42.34
CA GLY A 25 -22.54 -4.15 43.51
C GLY A 25 -23.65 -3.20 43.19
N GLY A 26 -24.14 -3.30 41.96
CA GLY A 26 -25.23 -2.51 41.44
C GLY A 26 -26.53 -3.28 41.54
N GLY A 27 -27.52 -2.83 40.78
CA GLY A 27 -28.79 -3.51 40.81
C GLY A 27 -28.55 -4.89 40.30
N THR A 28 -29.07 -5.87 41.01
CA THR A 28 -28.84 -7.22 40.63
C THR A 28 -29.44 -7.57 39.30
N HIS A 29 -30.64 -7.13 39.04
CA HIS A 29 -31.27 -7.43 37.78
C HIS A 29 -30.45 -6.80 36.69
N ALA A 30 -30.06 -5.56 36.90
CA ALA A 30 -29.28 -4.83 35.93
C ALA A 30 -27.89 -5.38 35.73
N ASP A 31 -27.22 -5.70 36.82
CA ASP A 31 -25.87 -6.17 36.73
C ASP A 31 -25.85 -7.41 35.89
N SER A 32 -26.82 -8.26 36.12
CA SER A 32 -26.88 -9.48 35.39
C SER A 32 -27.08 -9.22 33.94
N LEU A 33 -27.97 -8.31 33.60
CA LEU A 33 -28.22 -8.04 32.22
C LEU A 33 -27.01 -7.49 31.51
N ASN A 34 -26.36 -6.53 32.12
CA ASN A 34 -25.20 -5.93 31.54
C ASN A 34 -24.10 -6.93 31.40
N ASN A 35 -23.83 -7.67 32.45
CA ASN A 35 -22.77 -8.66 32.45
C ASN A 35 -22.99 -9.77 31.45
N LEU A 36 -24.21 -10.21 31.30
CA LEU A 36 -24.53 -11.24 30.35
C LEU A 36 -24.31 -10.77 28.93
N ALA A 37 -24.66 -9.52 28.70
CA ALA A 37 -24.52 -8.92 27.40
C ALA A 37 -23.07 -8.92 27.05
N ASN A 38 -22.24 -8.70 28.05
CA ASN A 38 -20.84 -8.69 27.82
C ASN A 38 -20.42 -10.03 27.28
N ILE A 39 -20.97 -11.09 27.82
CA ILE A 39 -20.60 -12.42 27.38
C ILE A 39 -20.96 -12.64 25.95
N LYS A 40 -22.14 -12.21 25.57
CA LYS A 40 -22.63 -12.39 24.23
C LYS A 40 -21.80 -11.68 23.22
N ARG A 41 -21.34 -10.50 23.59
CA ARG A 41 -20.54 -9.69 22.73
C ARG A 41 -19.30 -10.47 22.41
N GLU A 42 -18.72 -11.10 23.42
CA GLU A 42 -17.51 -11.88 23.21
C GLU A 42 -17.78 -12.99 22.23
N GLN A 43 -18.98 -13.53 22.26
CA GLN A 43 -19.34 -14.62 21.40
C GLN A 43 -19.84 -14.26 20.02
N GLY A 44 -19.92 -12.98 19.72
CA GLY A 44 -20.36 -12.59 18.40
C GLY A 44 -21.84 -12.40 18.18
N ASN A 45 -22.63 -12.63 19.22
CA ASN A 45 -24.07 -12.45 19.13
C ASN A 45 -24.39 -11.02 19.49
N ILE A 46 -24.05 -10.13 18.59
CA ILE A 46 -24.21 -8.71 18.80
C ILE A 46 -25.62 -8.28 19.01
N GLU A 47 -26.52 -8.82 18.23
CA GLU A 47 -27.90 -8.45 18.32
C GLU A 47 -28.44 -8.77 19.68
N GLU A 48 -28.12 -9.94 20.18
CA GLU A 48 -28.58 -10.34 21.48
C GLU A 48 -28.04 -9.41 22.54
N ALA A 49 -26.78 -9.06 22.42
CA ALA A 49 -26.16 -8.22 23.40
C ALA A 49 -26.80 -6.87 23.47
N VAL A 50 -27.18 -6.34 22.32
CA VAL A 50 -27.77 -5.04 22.29
C VAL A 50 -29.06 -5.02 23.05
N ARG A 51 -29.83 -6.07 22.88
CA ARG A 51 -31.10 -6.15 23.56
C ARG A 51 -30.92 -6.17 25.04
N LEU A 52 -29.99 -6.97 25.48
CA LEU A 52 -29.76 -7.11 26.89
C LEU A 52 -29.35 -5.79 27.48
N TYR A 53 -28.52 -5.06 26.76
CA TYR A 53 -28.06 -3.79 27.24
C TYR A 53 -29.24 -2.87 27.36
N ARG A 54 -30.12 -2.89 26.40
CA ARG A 54 -31.27 -2.03 26.44
C ARG A 54 -32.17 -2.37 27.60
N LYS A 55 -32.36 -3.64 27.81
CA LYS A 55 -33.21 -4.11 28.85
C LYS A 55 -32.64 -3.63 30.14
N ALA A 56 -31.33 -3.65 30.27
CA ALA A 56 -30.70 -3.22 31.50
C ALA A 56 -31.04 -1.77 31.70
N LEU A 57 -31.01 -1.02 30.62
CA LEU A 57 -31.32 0.38 30.68
C LEU A 57 -32.76 0.60 31.04
N GLU A 58 -33.63 -0.25 30.56
CA GLU A 58 -35.01 -0.11 30.87
C GLU A 58 -35.18 -0.30 32.38
N VAL A 59 -34.55 -1.33 32.90
CA VAL A 59 -34.58 -1.63 34.31
C VAL A 59 -33.90 -0.56 35.15
N PHE A 60 -32.74 -0.11 34.72
CA PHE A 60 -32.03 0.90 35.46
C PHE A 60 -31.64 1.96 34.48
N PRO A 61 -32.38 3.03 34.39
CA PRO A 61 -32.07 4.08 33.44
C PRO A 61 -30.76 4.77 33.64
N GLU A 62 -30.33 5.06 34.85
CA GLU A 62 -29.06 5.72 35.04
C GLU A 62 -27.87 4.78 35.27
N PHE A 63 -27.81 3.73 34.46
CA PHE A 63 -26.77 2.74 34.53
C PHE A 63 -25.68 3.22 33.62
N ALA A 64 -24.62 3.76 34.16
CA ALA A 64 -23.54 4.26 33.33
C ALA A 64 -22.88 3.17 32.52
N ALA A 65 -22.61 2.05 33.17
CA ALA A 65 -21.93 0.97 32.48
C ALA A 65 -22.71 0.48 31.31
N ALA A 66 -24.02 0.37 31.45
CA ALA A 66 -24.83 -0.10 30.37
C ALA A 66 -24.78 0.83 29.20
N HIS A 67 -24.78 2.11 29.47
CA HIS A 67 -24.75 3.08 28.39
C HIS A 67 -23.49 2.96 27.58
N SER A 68 -22.37 2.89 28.28
CA SER A 68 -21.10 2.77 27.63
C SER A 68 -20.98 1.47 26.88
N ASN A 69 -21.39 0.39 27.50
CA ASN A 69 -21.31 -0.89 26.85
C ASN A 69 -22.17 -0.98 25.61
N LEU A 70 -23.36 -0.43 25.66
CA LEU A 70 -24.23 -0.44 24.52
C LEU A 70 -23.63 0.42 23.44
N ALA A 71 -23.04 1.51 23.83
CA ALA A 71 -22.47 2.44 22.90
C ALA A 71 -21.37 1.80 22.11
N SER A 72 -20.56 1.00 22.75
CA SER A 72 -19.45 0.37 22.07
C SER A 72 -19.94 -0.57 21.00
N VAL A 73 -20.96 -1.34 21.30
CA VAL A 73 -21.49 -2.25 20.32
C VAL A 73 -22.10 -1.51 19.15
N LEU A 74 -22.77 -0.41 19.44
CA LEU A 74 -23.40 0.36 18.41
C LEU A 74 -22.34 0.87 17.48
N GLN A 75 -21.22 1.25 18.06
CA GLN A 75 -20.11 1.76 17.31
C GLN A 75 -19.65 0.66 16.41
N GLN A 76 -19.65 -0.54 16.94
CA GLN A 76 -19.22 -1.69 16.20
C GLN A 76 -20.13 -1.85 15.02
N GLN A 77 -21.37 -1.45 15.16
CA GLN A 77 -22.31 -1.60 14.08
C GLN A 77 -22.38 -0.40 13.18
N GLY A 78 -21.47 0.53 13.36
CA GLY A 78 -21.46 1.69 12.52
C GLY A 78 -22.40 2.76 12.95
N LYS A 79 -23.10 2.51 14.05
CA LYS A 79 -24.03 3.48 14.55
C LYS A 79 -23.32 4.46 15.44
N LEU A 80 -22.41 5.21 14.85
CA LEU A 80 -21.61 6.16 15.58
C LEU A 80 -22.28 7.33 16.25
N GLN A 81 -23.21 7.96 15.57
CA GLN A 81 -23.85 9.10 16.14
C GLN A 81 -24.58 8.66 17.37
N GLU A 82 -25.22 7.52 17.26
CA GLU A 82 -25.97 6.98 18.36
C GLU A 82 -25.09 6.65 19.53
N ALA A 83 -23.94 6.09 19.23
CA ALA A 83 -23.01 5.68 20.26
C ALA A 83 -22.55 6.86 21.05
N LEU A 84 -22.31 7.97 20.38
CA LEU A 84 -21.83 9.15 21.05
C LEU A 84 -22.79 9.65 22.08
N MET A 85 -24.06 9.57 21.76
CA MET A 85 -25.04 10.03 22.67
C MET A 85 -24.95 9.26 23.94
N HIS A 86 -24.88 7.95 23.82
CA HIS A 86 -24.78 7.10 24.99
C HIS A 86 -23.51 7.30 25.78
N TYR A 87 -22.42 7.58 25.10
CA TYR A 87 -21.18 7.76 25.83
C TYR A 87 -21.31 8.97 26.69
N LYS A 88 -21.89 10.01 26.16
CA LYS A 88 -22.06 11.23 26.90
C LYS A 88 -22.97 11.02 28.09
N GLU A 89 -23.97 10.21 27.90
CA GLU A 89 -24.89 9.91 28.96
C GLU A 89 -24.17 9.23 30.09
N ALA A 90 -23.28 8.32 29.75
CA ALA A 90 -22.55 7.60 30.75
C ALA A 90 -21.70 8.53 31.55
N ILE A 91 -21.04 9.42 30.87
CA ILE A 91 -20.19 10.39 31.50
C ILE A 91 -20.95 11.36 32.38
N ARG A 92 -22.15 11.73 31.96
CA ARG A 92 -22.93 12.62 32.78
C ARG A 92 -23.24 11.93 34.07
N ILE A 93 -23.66 10.69 33.98
CA ILE A 93 -23.96 9.93 35.16
C ILE A 93 -22.72 9.74 35.99
N SER A 94 -21.61 9.41 35.34
CA SER A 94 -20.37 9.21 36.04
C SER A 94 -19.26 9.96 35.35
N PRO A 95 -18.95 11.15 35.81
CA PRO A 95 -17.94 11.99 35.19
C PRO A 95 -16.54 11.42 35.17
N THR A 96 -16.23 10.50 36.04
CA THR A 96 -14.91 9.92 36.08
C THR A 96 -14.85 8.54 35.50
N PHE A 97 -15.77 8.24 34.60
CA PHE A 97 -15.83 6.95 33.98
C PHE A 97 -14.87 6.93 32.82
N ALA A 98 -13.64 6.53 33.09
CA ALA A 98 -12.61 6.52 32.09
C ALA A 98 -12.89 5.63 30.91
N ASP A 99 -13.54 4.51 31.12
CA ASP A 99 -13.81 3.61 30.02
C ASP A 99 -14.66 4.28 28.99
N ALA A 100 -15.60 5.08 29.43
CA ALA A 100 -16.47 5.76 28.52
C ALA A 100 -15.69 6.72 27.65
N TYR A 101 -14.78 7.46 28.23
CA TYR A 101 -14.01 8.40 27.47
C TYR A 101 -13.14 7.75 26.44
N SER A 102 -12.47 6.70 26.81
CA SER A 102 -11.58 6.03 25.91
C SER A 102 -12.38 5.49 24.77
N ASN A 103 -13.50 4.89 25.06
CA ASN A 103 -14.34 4.34 24.03
C ASN A 103 -14.91 5.38 23.13
N MET A 104 -15.26 6.50 23.70
CA MET A 104 -15.81 7.58 22.94
C MET A 104 -14.75 8.03 21.98
N GLY A 105 -13.52 7.98 22.41
CA GLY A 105 -12.42 8.43 21.60
C GLY A 105 -12.31 7.64 20.33
N ASN A 106 -12.53 6.36 20.45
CA ASN A 106 -12.45 5.49 19.32
C ASN A 106 -13.48 5.85 18.31
N THR A 107 -14.65 6.22 18.77
CA THR A 107 -15.71 6.58 17.87
C THR A 107 -15.39 7.82 17.12
N LEU A 108 -14.89 8.81 17.80
CA LEU A 108 -14.59 10.05 17.17
C LEU A 108 -13.52 9.82 16.13
N LYS A 109 -12.56 8.98 16.46
CA LYS A 109 -11.48 8.70 15.57
C LYS A 109 -12.09 8.12 14.33
N GLU A 110 -13.08 7.29 14.53
CA GLU A 110 -13.79 6.68 13.42
C GLU A 110 -14.52 7.73 12.62
N MET A 111 -14.89 8.81 13.26
CA MET A 111 -15.58 9.86 12.57
C MET A 111 -14.59 10.84 12.00
N GLN A 112 -13.33 10.56 12.20
CA GLN A 112 -12.30 11.41 11.69
C GLN A 112 -11.96 12.60 12.55
N ASP A 113 -12.50 12.66 13.75
CA ASP A 113 -12.21 13.75 14.65
C ASP A 113 -11.00 13.37 15.45
N VAL A 114 -9.84 13.53 14.86
CA VAL A 114 -8.61 13.19 15.53
C VAL A 114 -8.35 14.05 16.74
N GLN A 115 -8.57 15.34 16.62
CA GLN A 115 -8.34 16.22 17.73
C GLN A 115 -9.25 15.79 18.85
N GLY A 116 -10.43 15.40 18.47
CA GLY A 116 -11.42 14.95 19.41
C GLY A 116 -11.06 13.69 20.09
N ALA A 117 -10.56 12.73 19.35
CA ALA A 117 -10.19 11.47 19.93
C ALA A 117 -9.07 11.70 20.92
N LEU A 118 -8.15 12.56 20.56
CA LEU A 118 -7.03 12.79 21.41
C LEU A 118 -7.44 13.32 22.74
N GLN A 119 -8.35 14.26 22.72
CA GLN A 119 -8.80 14.84 23.95
C GLN A 119 -9.47 13.80 24.81
N CYS A 120 -10.27 12.94 24.21
CA CYS A 120 -10.91 11.90 24.98
C CYS A 120 -9.93 10.93 25.56
N TYR A 121 -8.95 10.54 24.79
CA TYR A 121 -7.96 9.59 25.25
C TYR A 121 -7.14 10.18 26.40
N THR A 122 -6.73 11.41 26.25
CA THR A 122 -5.94 12.03 27.28
C THR A 122 -6.72 12.20 28.56
N ARG A 123 -7.98 12.52 28.44
CA ARG A 123 -8.79 12.69 29.61
C ARG A 123 -8.86 11.39 30.35
N ALA A 124 -9.04 10.30 29.64
CA ALA A 124 -9.12 9.00 30.27
C ALA A 124 -7.84 8.70 31.01
N ILE A 125 -6.73 9.03 30.42
CA ILE A 125 -5.46 8.81 31.06
C ILE A 125 -5.39 9.66 32.30
N GLN A 126 -5.89 10.87 32.21
CA GLN A 126 -5.87 11.76 33.33
C GLN A 126 -6.70 11.21 34.45
N ILE A 127 -7.85 10.66 34.14
CA ILE A 127 -8.68 10.09 35.15
C ILE A 127 -8.00 8.89 35.78
N ASN A 128 -7.56 7.98 34.94
CA ASN A 128 -6.90 6.80 35.42
C ASN A 128 -5.61 6.53 34.69
N PRO A 129 -4.50 6.87 35.32
CA PRO A 129 -3.19 6.68 34.71
C PRO A 129 -2.83 5.23 34.55
N ALA A 130 -3.58 4.36 35.17
CA ALA A 130 -3.32 2.94 35.10
C ALA A 130 -4.19 2.24 34.10
N PHE A 131 -4.79 3.02 33.23
CA PHE A 131 -5.69 2.46 32.24
C PHE A 131 -4.98 2.06 30.98
N ALA A 132 -4.71 0.78 30.84
CA ALA A 132 -3.98 0.28 29.70
C ALA A 132 -4.63 0.43 28.34
N ASP A 133 -5.92 0.19 28.24
CA ASP A 133 -6.58 0.29 26.97
C ASP A 133 -6.44 1.67 26.42
N ALA A 134 -6.50 2.67 27.28
CA ALA A 134 -6.37 4.04 26.85
C ALA A 134 -5.00 4.34 26.29
N HIS A 135 -3.98 3.80 26.91
CA HIS A 135 -2.64 4.04 26.46
C HIS A 135 -2.45 3.49 25.07
N SER A 136 -3.01 2.32 24.81
CA SER A 136 -2.88 1.72 23.52
C SER A 136 -3.56 2.55 22.49
N ASN A 137 -4.74 3.01 22.81
CA ASN A 137 -5.52 3.79 21.90
C ASN A 137 -4.83 5.08 21.56
N LEU A 138 -4.20 5.67 22.54
CA LEU A 138 -3.46 6.88 22.33
C LEU A 138 -2.31 6.56 21.40
N ALA A 139 -1.71 5.41 21.60
CA ALA A 139 -0.60 4.99 20.82
C ALA A 139 -0.96 4.88 19.36
N SER A 140 -2.15 4.38 19.06
CA SER A 140 -2.57 4.22 17.69
C SER A 140 -2.66 5.54 16.99
N ILE A 141 -3.12 6.55 17.68
CA ILE A 141 -3.22 7.83 17.07
C ILE A 141 -1.85 8.30 16.69
N HIS A 142 -0.89 8.14 17.56
CA HIS A 142 0.45 8.57 17.28
C HIS A 142 1.00 7.80 16.13
N LYS A 143 0.71 6.53 16.10
CA LYS A 143 1.19 5.67 15.06
C LYS A 143 0.65 6.10 13.73
N ASP A 144 -0.63 6.38 13.68
CA ASP A 144 -1.26 6.82 12.46
C ASP A 144 -0.71 8.15 12.03
N SER A 145 -0.38 8.98 12.98
CA SER A 145 0.12 10.30 12.73
C SER A 145 1.55 10.35 12.33
N GLY A 146 2.21 9.22 12.38
CA GLY A 146 3.61 9.15 12.03
C GLY A 146 4.55 9.41 13.16
N ASN A 147 4.04 9.56 14.36
CA ASN A 147 4.91 9.75 15.49
C ASN A 147 5.20 8.40 16.08
N ILE A 148 5.99 7.62 15.39
CA ILE A 148 6.27 6.27 15.84
C ILE A 148 6.95 6.17 17.17
N PRO A 149 7.85 7.07 17.51
CA PRO A 149 8.50 6.95 18.79
C PRO A 149 7.53 7.07 19.95
N GLU A 150 6.59 7.99 19.88
CA GLU A 150 5.61 8.14 20.93
C GLU A 150 4.71 6.94 21.00
N ALA A 151 4.36 6.44 19.84
CA ALA A 151 3.49 5.31 19.80
C ALA A 151 4.16 4.19 20.49
N ILE A 152 5.44 4.02 20.25
CA ILE A 152 6.16 2.96 20.87
C ILE A 152 6.18 3.16 22.36
N ALA A 153 6.41 4.37 22.81
CA ALA A 153 6.44 4.64 24.21
C ALA A 153 5.12 4.38 24.86
N SER A 154 4.04 4.79 24.21
CA SER A 154 2.73 4.57 24.76
C SER A 154 2.39 3.11 24.81
N TYR A 155 2.72 2.37 23.78
CA TYR A 155 2.42 0.96 23.75
C TYR A 155 3.13 0.24 24.85
N ARG A 156 4.35 0.63 25.15
CA ARG A 156 5.09 -0.02 26.19
C ARG A 156 4.42 0.19 27.53
N THR A 157 3.87 1.37 27.74
CA THR A 157 3.19 1.65 28.97
C THR A 157 1.99 0.74 29.12
N ALA A 158 1.25 0.53 28.07
CA ALA A 158 0.08 -0.30 28.15
C ALA A 158 0.48 -1.70 28.52
N LEU A 159 1.54 -2.18 27.90
CA LEU A 159 2.03 -3.50 28.16
C LEU A 159 2.53 -3.64 29.58
N LYS A 160 3.15 -2.59 30.07
CA LYS A 160 3.64 -2.61 31.40
C LYS A 160 2.47 -2.75 32.35
N LEU A 161 1.42 -1.98 32.12
CA LEU A 161 0.24 -2.06 32.94
C LEU A 161 -0.50 -3.38 32.77
N LYS A 162 -0.61 -3.83 31.54
CA LYS A 162 -1.29 -5.05 31.25
C LYS A 162 -0.43 -5.93 30.42
N PRO A 163 0.24 -6.88 31.02
CA PRO A 163 1.13 -7.75 30.25
C PRO A 163 0.48 -8.58 29.18
N ASP A 164 -0.67 -9.18 29.42
CA ASP A 164 -1.28 -9.95 28.38
C ASP A 164 -2.18 -8.99 27.67
N PHE A 165 -1.63 -8.28 26.70
CA PHE A 165 -2.36 -7.31 25.93
C PHE A 165 -2.06 -7.43 24.44
N PRO A 166 -2.77 -8.28 23.73
CA PRO A 166 -2.47 -8.47 22.32
C PRO A 166 -2.56 -7.29 21.39
N ASP A 167 -3.56 -6.46 21.48
CA ASP A 167 -3.61 -5.38 20.55
C ASP A 167 -2.41 -4.48 20.68
N ALA A 168 -2.00 -4.19 21.88
CA ALA A 168 -0.84 -3.35 22.05
C ALA A 168 0.45 -3.97 21.55
N TYR A 169 0.63 -5.25 21.81
CA TYR A 169 1.83 -5.94 21.42
C TYR A 169 1.99 -6.02 19.92
N CYS A 170 0.94 -6.42 19.26
CA CYS A 170 0.99 -6.52 17.83
C CYS A 170 1.20 -5.19 17.18
N ASN A 171 0.57 -4.17 17.70
CA ASN A 171 0.73 -2.85 17.17
C ASN A 171 2.12 -2.41 17.41
N LEU A 172 2.65 -2.80 18.55
CA LEU A 172 4.00 -2.45 18.88
C LEU A 172 4.90 -3.15 17.90
N ALA A 173 4.58 -4.39 17.58
CA ALA A 173 5.42 -5.13 16.66
C ALA A 173 5.42 -4.42 15.32
N HIS A 174 4.28 -3.95 14.90
CA HIS A 174 4.21 -3.25 13.64
C HIS A 174 5.04 -2.01 13.68
N CYS A 175 5.01 -1.32 14.80
CA CYS A 175 5.76 -0.11 14.94
C CYS A 175 7.23 -0.35 14.82
N LEU A 176 7.69 -1.40 15.45
CA LEU A 176 9.09 -1.71 15.41
C LEU A 176 9.52 -2.02 14.01
N GLN A 177 8.67 -2.68 13.27
CA GLN A 177 8.98 -3.03 11.91
C GLN A 177 9.18 -1.79 11.06
N ILE A 178 8.36 -0.80 11.25
CA ILE A 178 8.41 0.41 10.49
C ILE A 178 9.73 1.14 10.65
N VAL A 179 10.25 1.17 11.86
CA VAL A 179 11.50 1.84 12.09
C VAL A 179 12.66 0.89 12.17
N CYS A 180 12.40 -0.36 11.82
CA CYS A 180 13.42 -1.36 11.81
C CYS A 180 14.15 -1.64 13.11
N ASP A 181 13.43 -1.72 14.20
CA ASP A 181 14.05 -2.00 15.46
C ASP A 181 13.86 -3.48 15.51
N TRP A 182 14.96 -4.19 15.44
CA TRP A 182 14.94 -5.63 15.41
C TRP A 182 15.34 -6.23 16.72
N THR A 183 15.28 -5.45 17.79
CA THR A 183 15.66 -5.99 19.07
C THR A 183 14.78 -7.17 19.37
N ASP A 184 15.38 -8.31 19.64
CA ASP A 184 14.64 -9.51 19.95
C ASP A 184 13.65 -9.90 18.89
N TYR A 185 14.04 -9.75 17.65
CA TYR A 185 13.17 -10.04 16.56
C TYR A 185 12.71 -11.47 16.56
N ASP A 186 13.58 -12.40 16.90
CA ASP A 186 13.20 -13.79 16.87
C ASP A 186 12.10 -14.07 17.82
N GLU A 187 12.23 -13.55 19.02
CA GLU A 187 11.24 -13.75 20.04
C GLU A 187 9.93 -13.13 19.65
N ARG A 188 10.03 -11.95 19.06
CA ARG A 188 8.86 -11.23 18.67
C ARG A 188 8.06 -12.02 17.72
N MET A 189 8.73 -12.60 16.76
CA MET A 189 8.06 -13.37 15.77
C MET A 189 7.36 -14.54 16.42
N LYS A 190 8.02 -15.09 17.42
CA LYS A 190 7.50 -16.20 18.14
C LYS A 190 6.25 -15.83 18.88
N LYS A 191 6.29 -14.72 19.57
CA LYS A 191 5.13 -14.28 20.33
C LYS A 191 3.93 -13.99 19.49
N LEU A 192 4.13 -13.39 18.34
CA LEU A 192 3.03 -13.06 17.47
C LEU A 192 2.29 -14.27 16.97
N VAL A 193 3.03 -15.28 16.58
CA VAL A 193 2.40 -16.47 16.08
C VAL A 193 1.60 -17.07 17.19
N SER A 194 2.14 -17.00 18.37
CA SER A 194 1.47 -17.53 19.52
C SER A 194 0.16 -16.84 19.79
N ILE A 195 0.17 -15.52 19.70
CA ILE A 195 -1.02 -14.75 19.95
C ILE A 195 -2.08 -15.10 18.95
N VAL A 196 -1.68 -15.19 17.70
CA VAL A 196 -2.63 -15.45 16.67
C VAL A 196 -3.23 -16.78 16.89
N ALA A 197 -2.41 -17.70 17.34
CA ALA A 197 -2.87 -19.04 17.58
C ALA A 197 -3.91 -19.06 18.66
N ASP A 198 -3.61 -18.37 19.74
CA ASP A 198 -4.50 -18.30 20.87
C ASP A 198 -5.78 -17.65 20.45
N GLN A 199 -5.68 -16.55 19.73
CA GLN A 199 -6.86 -15.83 19.30
C GLN A 199 -7.70 -16.62 18.34
N LEU A 200 -7.10 -17.29 17.38
CA LEU A 200 -7.88 -18.04 16.44
C LEU A 200 -8.62 -19.14 17.16
N GLU A 201 -7.94 -19.72 18.12
CA GLU A 201 -8.47 -20.81 18.89
C GLU A 201 -9.67 -20.37 19.68
N LYS A 202 -9.61 -19.16 20.19
CA LYS A 202 -10.65 -18.63 21.03
C LYS A 202 -11.70 -17.87 20.29
N ASN A 203 -11.70 -17.96 18.97
CA ASN A 203 -12.69 -17.26 18.22
C ASN A 203 -12.74 -15.81 18.58
N ARG A 204 -11.57 -15.20 18.56
CA ARG A 204 -11.40 -13.82 18.90
C ARG A 204 -10.83 -13.18 17.66
N LEU A 205 -10.99 -11.87 17.51
CA LEU A 205 -10.46 -11.20 16.35
C LEU A 205 -8.97 -11.04 16.54
N PRO A 206 -8.18 -11.52 15.61
CA PRO A 206 -6.73 -11.43 15.75
C PRO A 206 -6.23 -10.03 15.76
N SER A 207 -5.28 -9.78 16.64
CA SER A 207 -4.70 -8.48 16.80
C SER A 207 -3.77 -8.12 15.67
N VAL A 208 -3.51 -9.07 14.80
CA VAL A 208 -2.64 -8.83 13.67
C VAL A 208 -3.50 -8.53 12.49
N HIS A 209 -3.31 -7.35 11.92
CA HIS A 209 -4.09 -6.94 10.80
C HIS A 209 -3.74 -7.80 9.63
N PRO A 210 -4.65 -8.01 8.72
CA PRO A 210 -4.35 -8.84 7.56
C PRO A 210 -3.23 -8.26 6.73
N HIS A 211 -3.15 -6.96 6.59
CA HIS A 211 -2.09 -6.39 5.81
C HIS A 211 -0.78 -6.77 6.44
N HIS A 212 -0.70 -6.70 7.75
CA HIS A 212 0.50 -7.02 8.47
C HIS A 212 0.95 -8.45 8.47
N SER A 213 0.03 -9.37 8.23
CA SER A 213 0.34 -10.77 8.31
C SER A 213 1.43 -11.17 7.37
N MET A 214 1.53 -10.48 6.27
CA MET A 214 2.49 -10.78 5.26
C MET A 214 3.91 -10.64 5.74
N LEU A 215 4.13 -9.88 6.79
CA LEU A 215 5.46 -9.67 7.29
C LEU A 215 5.92 -10.60 8.36
N TYR A 216 5.05 -11.49 8.79
CA TYR A 216 5.42 -12.37 9.84
C TYR A 216 5.33 -13.80 9.39
N PRO A 217 6.08 -14.67 10.03
CA PRO A 217 6.11 -16.07 9.65
C PRO A 217 4.95 -16.83 10.19
N LEU A 218 3.86 -16.70 9.47
CA LEU A 218 2.62 -17.34 9.82
C LEU A 218 2.29 -18.32 8.74
N SER A 219 1.55 -19.35 9.08
CA SER A 219 1.17 -20.34 8.12
C SER A 219 0.15 -19.72 7.24
N HIS A 220 -0.06 -20.28 6.08
CA HIS A 220 -1.01 -19.72 5.15
C HIS A 220 -2.39 -19.76 5.71
N GLY A 221 -2.69 -20.82 6.44
CA GLY A 221 -3.99 -20.98 7.02
C GLY A 221 -4.24 -19.85 7.98
N PHE A 222 -3.23 -19.51 8.74
CA PHE A 222 -3.38 -18.45 9.68
C PHE A 222 -3.64 -17.14 8.99
N ARG A 223 -2.90 -16.85 7.93
CA ARG A 223 -3.10 -15.61 7.23
C ARG A 223 -4.47 -15.58 6.64
N LYS A 224 -4.89 -16.67 6.04
CA LYS A 224 -6.21 -16.71 5.45
C LYS A 224 -7.25 -16.58 6.53
N ALA A 225 -6.98 -17.23 7.66
CA ALA A 225 -7.88 -17.18 8.78
C ALA A 225 -8.03 -15.79 9.29
N ILE A 226 -6.92 -15.06 9.35
CA ILE A 226 -6.94 -13.71 9.84
C ILE A 226 -7.80 -12.86 8.97
N ALA A 227 -7.65 -13.00 7.68
CA ALA A 227 -8.43 -12.21 6.79
C ALA A 227 -9.89 -12.50 6.91
N GLU A 228 -10.24 -13.75 7.11
CA GLU A 228 -11.64 -14.10 7.19
C GLU A 228 -12.32 -13.43 8.34
N ARG A 229 -11.68 -13.39 9.49
CA ARG A 229 -12.32 -12.78 10.62
C ARG A 229 -12.58 -11.34 10.34
N HIS A 230 -11.62 -10.66 9.76
CA HIS A 230 -11.79 -9.26 9.47
C HIS A 230 -12.92 -9.11 8.48
N GLY A 231 -13.16 -10.16 7.71
CA GLY A 231 -14.24 -10.17 6.77
C GLY A 231 -15.55 -10.15 7.51
N ASN A 232 -15.58 -10.92 8.59
CA ASN A 232 -16.76 -11.04 9.43
C ASN A 232 -17.15 -9.73 10.04
N LEU A 233 -16.17 -8.90 10.31
CA LEU A 233 -16.43 -7.65 10.94
C LEU A 233 -17.42 -6.91 10.11
N CYS A 234 -17.33 -7.07 8.81
CA CYS A 234 -18.21 -6.37 7.92
C CYS A 234 -19.66 -6.73 8.02
N LEU A 235 -19.94 -8.00 8.20
CA LEU A 235 -21.32 -8.43 8.23
C LEU A 235 -22.09 -7.79 9.34
N ASP A 236 -21.45 -7.69 10.48
CA ASP A 236 -22.08 -7.14 11.62
C ASP A 236 -22.51 -5.74 11.26
N LYS A 237 -21.68 -5.02 10.54
CA LYS A 237 -22.05 -3.68 10.16
C LYS A 237 -23.26 -3.72 9.28
N ILE A 238 -23.35 -4.68 8.38
CA ILE A 238 -24.49 -4.72 7.46
C ILE A 238 -25.70 -5.53 7.85
N ASN A 239 -25.57 -6.40 8.83
CA ASN A 239 -26.71 -7.19 9.23
C ASN A 239 -27.83 -6.35 9.82
N VAL A 240 -27.45 -5.24 10.43
CA VAL A 240 -28.41 -4.35 11.03
C VAL A 240 -29.33 -3.80 9.96
N LEU A 241 -28.79 -3.60 8.78
CA LEU A 241 -29.57 -3.06 7.70
C LEU A 241 -30.73 -3.96 7.41
N HIS A 242 -30.51 -5.25 7.62
CA HIS A 242 -31.56 -6.21 7.40
C HIS A 242 -32.06 -6.19 5.97
N LYS A 243 -31.13 -5.99 5.06
CA LYS A 243 -31.44 -5.95 3.65
C LYS A 243 -31.64 -7.32 3.04
N PRO A 244 -32.42 -7.38 1.98
CA PRO A 244 -32.69 -8.63 1.29
C PRO A 244 -31.71 -8.87 0.17
N PRO A 245 -31.55 -10.09 -0.26
CA PRO A 245 -30.62 -10.37 -1.35
C PRO A 245 -31.04 -9.62 -2.59
N TYR A 246 -30.08 -9.02 -3.27
CA TYR A 246 -30.34 -8.26 -4.47
C TYR A 246 -30.67 -9.16 -5.65
N GLU A 247 -31.36 -8.61 -6.64
CA GLU A 247 -31.68 -9.38 -7.81
C GLU A 247 -30.61 -8.97 -8.80
N HIS A 248 -29.94 -9.95 -9.40
CA HIS A 248 -28.87 -9.66 -10.34
C HIS A 248 -29.22 -9.88 -11.78
N PRO A 249 -28.66 -9.09 -12.67
CA PRO A 249 -28.94 -9.21 -14.09
C PRO A 249 -28.40 -10.52 -14.61
N LYS A 250 -29.08 -11.12 -15.58
CA LYS A 250 -28.64 -12.37 -16.16
C LYS A 250 -28.29 -12.25 -17.63
N ASP A 251 -28.36 -11.04 -18.15
CA ASP A 251 -28.06 -10.80 -19.54
C ASP A 251 -27.57 -9.39 -19.68
N LEU A 252 -27.05 -9.03 -20.84
CA LEU A 252 -26.55 -7.69 -21.06
C LEU A 252 -27.52 -6.82 -21.81
N LYS A 253 -28.74 -7.28 -21.90
CA LYS A 253 -29.75 -6.58 -22.66
C LYS A 253 -30.07 -5.19 -22.16
N LEU A 254 -30.22 -5.05 -20.86
CA LEU A 254 -30.54 -3.77 -20.31
C LEU A 254 -29.38 -2.84 -20.61
N SER A 255 -28.21 -3.43 -20.73
CA SER A 255 -26.99 -2.68 -20.96
C SER A 255 -26.56 -2.57 -22.40
N ASP A 256 -27.42 -2.97 -23.31
CA ASP A 256 -27.07 -2.85 -24.71
C ASP A 256 -25.96 -3.80 -25.07
N GLY A 257 -25.86 -4.91 -24.38
CA GLY A 257 -24.83 -5.87 -24.70
C GLY A 257 -23.46 -5.41 -24.26
N ARG A 258 -23.44 -4.39 -23.41
CA ARG A 258 -22.20 -3.90 -22.89
C ARG A 258 -22.06 -4.45 -21.50
N LEU A 259 -20.91 -4.99 -21.15
CA LEU A 259 -20.74 -5.52 -19.82
C LEU A 259 -20.53 -4.35 -18.89
N ARG A 260 -21.21 -4.33 -17.75
CA ARG A 260 -21.10 -3.21 -16.82
C ARG A 260 -20.13 -3.51 -15.70
N VAL A 261 -19.02 -2.79 -15.68
CA VAL A 261 -17.99 -2.99 -14.68
C VAL A 261 -17.77 -1.78 -13.80
N GLY A 262 -17.70 -2.00 -12.51
CA GLY A 262 -17.50 -0.91 -11.58
C GLY A 262 -16.26 -1.09 -10.73
N TYR A 263 -15.47 -0.04 -10.64
CA TYR A 263 -14.24 -0.07 -9.88
C TYR A 263 -14.45 0.71 -8.60
N VAL A 264 -14.16 0.11 -7.46
CA VAL A 264 -14.35 0.77 -6.19
C VAL A 264 -13.05 1.07 -5.47
N SER A 265 -12.70 2.34 -5.36
CA SER A 265 -11.47 2.67 -4.68
C SER A 265 -11.52 3.94 -3.87
N SER A 266 -10.79 3.93 -2.78
CA SER A 266 -10.65 5.11 -1.96
C SER A 266 -9.43 5.87 -2.45
N ASP A 267 -8.81 5.32 -3.46
CA ASP A 267 -7.59 5.82 -4.01
C ASP A 267 -7.60 6.57 -5.33
N PHE A 268 -8.74 7.11 -5.74
CA PHE A 268 -8.77 7.86 -6.97
C PHE A 268 -8.29 9.25 -6.63
N GLY A 269 -7.00 9.44 -6.72
CA GLY A 269 -6.40 10.69 -6.37
C GLY A 269 -4.93 10.45 -6.35
N ASN A 270 -4.21 11.19 -5.54
CA ASN A 270 -2.79 11.04 -5.48
C ASN A 270 -2.45 9.89 -4.61
N HIS A 271 -2.59 8.71 -5.16
CA HIS A 271 -2.27 7.51 -4.46
C HIS A 271 -1.67 6.59 -5.46
N PRO A 272 -0.91 5.60 -5.03
CA PRO A 272 -0.26 4.68 -5.93
C PRO A 272 -1.22 3.97 -6.84
N THR A 273 -2.44 3.75 -6.40
CA THR A 273 -3.39 3.07 -7.24
C THR A 273 -3.64 3.83 -8.51
N SER A 274 -3.84 5.12 -8.41
CA SER A 274 -4.07 5.93 -9.57
C SER A 274 -2.85 5.99 -10.45
N HIS A 275 -1.69 6.00 -9.82
CA HIS A 275 -0.45 6.05 -10.53
C HIS A 275 -0.33 4.83 -11.38
N LEU A 276 -0.96 3.76 -10.96
CA LEU A 276 -0.88 2.55 -11.73
C LEU A 276 -1.95 2.38 -12.79
N MET A 277 -3.19 2.65 -12.46
CA MET A 277 -4.29 2.45 -13.39
C MET A 277 -5.18 3.60 -13.81
N GLN A 278 -4.76 4.84 -13.68
CA GLN A 278 -5.65 5.93 -14.05
C GLN A 278 -6.08 5.85 -15.48
N SER A 279 -5.19 5.39 -16.33
CA SER A 279 -5.45 5.27 -17.75
C SER A 279 -6.46 4.22 -18.18
N ILE A 280 -6.67 3.19 -17.39
CA ILE A 280 -7.52 2.07 -17.77
C ILE A 280 -8.99 2.29 -18.06
N PRO A 281 -9.69 3.07 -17.27
CA PRO A 281 -11.11 3.26 -17.57
C PRO A 281 -11.26 3.89 -18.93
N GLY A 282 -10.35 4.80 -19.24
CA GLY A 282 -10.35 5.46 -20.51
C GLY A 282 -10.11 4.50 -21.64
N MET A 283 -9.33 3.47 -21.38
CA MET A 283 -9.01 2.53 -22.43
C MET A 283 -9.99 1.42 -22.66
N HIS A 284 -11.00 1.34 -21.82
CA HIS A 284 -11.97 0.30 -21.99
C HIS A 284 -12.70 0.51 -23.27
N ASN A 285 -13.16 -0.58 -23.86
CA ASN A 285 -13.87 -0.53 -25.11
C ASN A 285 -15.32 -0.18 -24.93
N PRO A 286 -15.72 0.97 -25.43
CA PRO A 286 -17.09 1.44 -25.27
C PRO A 286 -18.09 0.51 -25.88
N ASP A 287 -17.73 -0.16 -26.96
CA ASP A 287 -18.63 -1.06 -27.63
C ASP A 287 -19.04 -2.24 -26.79
N LYS A 288 -18.11 -2.81 -26.06
CA LYS A 288 -18.47 -3.93 -25.21
C LYS A 288 -18.50 -3.66 -23.71
N PHE A 289 -18.12 -2.47 -23.28
CA PHE A 289 -18.11 -2.20 -21.85
C PHE A 289 -18.59 -0.83 -21.39
N GLU A 290 -19.15 -0.78 -20.19
CA GLU A 290 -19.61 0.46 -19.60
C GLU A 290 -18.86 0.53 -18.31
N VAL A 291 -18.16 1.64 -18.08
CA VAL A 291 -17.35 1.79 -16.89
C VAL A 291 -17.86 2.76 -15.87
N PHE A 292 -18.05 2.23 -14.66
CA PHE A 292 -18.48 3.03 -13.55
C PHE A 292 -17.40 3.02 -12.51
N CYS A 293 -17.01 4.20 -12.07
CA CYS A 293 -15.98 4.30 -11.05
C CYS A 293 -16.60 4.77 -9.79
N TYR A 294 -16.42 4.02 -8.72
CA TYR A 294 -16.99 4.39 -7.46
C TYR A 294 -15.92 4.84 -6.49
N ALA A 295 -15.94 6.11 -6.15
CA ALA A 295 -14.95 6.68 -5.28
C ALA A 295 -15.35 6.62 -3.85
N LEU A 296 -14.45 6.16 -3.02
CA LEU A 296 -14.70 6.06 -1.61
C LEU A 296 -14.09 7.22 -0.89
N SER A 297 -13.49 8.14 -1.62
CA SER A 297 -12.88 9.29 -1.01
C SER A 297 -13.25 10.55 -1.74
N PRO A 298 -13.19 11.68 -1.07
CA PRO A 298 -13.52 12.96 -1.67
C PRO A 298 -12.48 13.46 -2.63
N ASP A 299 -12.86 14.34 -3.55
CA ASP A 299 -11.92 14.84 -4.52
C ASP A 299 -10.78 15.55 -3.87
N ASP A 300 -9.56 15.18 -4.22
CA ASP A 300 -8.39 15.78 -3.65
C ASP A 300 -7.78 16.92 -4.44
N GLY A 301 -8.38 17.25 -5.56
CA GLY A 301 -7.90 18.34 -6.38
C GLY A 301 -6.84 17.96 -7.35
N THR A 302 -6.47 16.69 -7.32
CA THR A 302 -5.47 16.13 -8.19
C THR A 302 -5.93 15.85 -9.59
N ASN A 303 -4.99 15.91 -10.51
CA ASN A 303 -5.22 15.63 -11.90
C ASN A 303 -5.62 14.21 -12.03
N PHE A 304 -5.14 13.39 -11.12
CA PHE A 304 -5.46 11.99 -11.14
C PHE A 304 -6.94 11.81 -10.96
N ARG A 305 -7.49 12.53 -10.02
CA ARG A 305 -8.90 12.47 -9.76
C ARG A 305 -9.66 13.02 -10.95
N VAL A 306 -9.14 14.09 -11.52
CA VAL A 306 -9.79 14.69 -12.63
C VAL A 306 -9.85 13.76 -13.80
N LYS A 307 -8.74 13.15 -14.11
CA LYS A 307 -8.68 12.30 -15.26
C LYS A 307 -9.62 11.14 -15.20
N VAL A 308 -9.69 10.46 -14.07
CA VAL A 308 -10.56 9.34 -14.00
C VAL A 308 -12.01 9.72 -14.13
N MET A 309 -12.39 10.81 -13.51
CA MET A 309 -13.78 11.24 -13.56
C MET A 309 -14.18 11.53 -14.97
N ALA A 310 -13.33 12.24 -15.69
CA ALA A 310 -13.63 12.59 -17.06
C ALA A 310 -13.66 11.40 -18.00
N GLU A 311 -12.67 10.53 -17.87
CA GLU A 311 -12.53 9.34 -18.69
C GLU A 311 -13.52 8.19 -18.52
N ALA A 312 -13.97 7.97 -17.30
CA ALA A 312 -14.90 6.90 -17.03
C ALA A 312 -16.25 7.20 -17.57
N ASN A 313 -17.00 6.16 -17.95
CA ASN A 313 -18.31 6.40 -18.47
C ASN A 313 -19.13 7.04 -17.39
N HIS A 314 -19.01 6.52 -16.18
CA HIS A 314 -19.74 7.06 -15.05
C HIS A 314 -18.86 7.14 -13.82
N PHE A 315 -18.92 8.27 -13.12
CA PHE A 315 -18.16 8.44 -11.89
C PHE A 315 -19.11 8.76 -10.74
N ILE A 316 -19.02 8.00 -9.66
CA ILE A 316 -19.90 8.21 -8.51
C ILE A 316 -19.13 8.45 -7.23
N ASP A 317 -19.35 9.58 -6.57
CA ASP A 317 -18.65 9.85 -5.34
C ASP A 317 -19.41 9.31 -4.16
N LEU A 318 -19.12 8.07 -3.79
CA LEU A 318 -19.79 7.44 -2.66
C LEU A 318 -19.34 8.09 -1.38
N SER A 319 -18.45 9.04 -1.54
CA SER A 319 -17.89 9.78 -0.46
C SER A 319 -19.05 10.45 0.22
N GLN A 320 -20.00 10.87 -0.59
CA GLN A 320 -21.16 11.57 -0.15
C GLN A 320 -22.34 10.67 0.13
N ILE A 321 -22.11 9.38 0.18
CA ILE A 321 -23.17 8.43 0.48
C ILE A 321 -22.60 7.55 1.55
N PRO A 322 -22.50 8.09 2.73
CA PRO A 322 -21.94 7.38 3.86
C PRO A 322 -22.69 6.12 4.24
N CYS A 323 -24.00 6.10 4.07
CA CYS A 323 -24.74 4.93 4.46
C CYS A 323 -24.44 3.83 3.49
N ASN A 324 -23.91 2.74 3.99
CA ASN A 324 -23.54 1.65 3.15
C ASN A 324 -24.69 1.05 2.40
N GLY A 325 -25.84 0.94 3.04
CA GLY A 325 -26.97 0.35 2.38
C GLY A 325 -27.34 1.17 1.17
N LYS A 326 -27.37 2.47 1.32
CA LYS A 326 -27.74 3.32 0.22
C LYS A 326 -26.76 3.18 -0.91
N ALA A 327 -25.50 3.09 -0.54
CA ALA A 327 -24.46 2.99 -1.53
C ALA A 327 -24.59 1.72 -2.32
N ALA A 328 -24.81 0.62 -1.63
CA ALA A 328 -24.94 -0.62 -2.34
C ALA A 328 -26.12 -0.54 -3.26
N ASP A 329 -27.19 0.07 -2.79
CA ASP A 329 -28.37 0.18 -3.59
C ASP A 329 -28.01 0.91 -4.83
N ARG A 330 -27.18 1.92 -4.69
CA ARG A 330 -26.80 2.72 -5.83
C ARG A 330 -26.06 1.90 -6.86
N ILE A 331 -25.19 1.03 -6.40
CA ILE A 331 -24.43 0.21 -7.29
C ILE A 331 -25.34 -0.76 -8.02
N HIS A 332 -26.32 -1.29 -7.31
CA HIS A 332 -27.26 -2.23 -7.88
C HIS A 332 -28.06 -1.56 -8.98
N GLN A 333 -28.51 -0.37 -8.69
CA GLN A 333 -29.33 0.40 -9.59
C GLN A 333 -28.58 0.66 -10.83
N ASP A 334 -27.27 0.70 -10.71
CA ASP A 334 -26.42 0.94 -11.84
C ASP A 334 -26.33 -0.29 -12.70
N GLY A 335 -26.84 -1.40 -12.19
CA GLY A 335 -26.81 -2.64 -12.93
C GLY A 335 -25.47 -3.26 -13.25
N ILE A 336 -24.56 -3.18 -12.30
CA ILE A 336 -23.23 -3.71 -12.43
C ILE A 336 -23.20 -5.21 -12.43
N HIS A 337 -22.36 -5.78 -13.28
CA HIS A 337 -22.21 -7.21 -13.35
C HIS A 337 -20.98 -7.63 -12.58
N ILE A 338 -19.90 -6.90 -12.79
CA ILE A 338 -18.67 -7.19 -12.10
C ILE A 338 -18.29 -5.98 -11.30
N LEU A 339 -18.03 -6.19 -10.03
CA LEU A 339 -17.63 -5.14 -9.14
C LEU A 339 -16.25 -5.48 -8.69
N VAL A 340 -15.33 -4.54 -8.83
CA VAL A 340 -13.96 -4.79 -8.47
C VAL A 340 -13.52 -4.07 -7.21
N ASN A 341 -13.02 -4.85 -6.26
CA ASN A 341 -12.57 -4.33 -5.01
C ASN A 341 -11.10 -4.02 -5.09
N MET A 342 -10.80 -2.74 -5.03
CA MET A 342 -9.44 -2.30 -5.11
C MET A 342 -8.81 -1.89 -3.81
N ASN A 343 -9.49 -2.10 -2.71
CA ASN A 343 -8.92 -1.71 -1.46
C ASN A 343 -8.47 -2.84 -0.56
N GLY A 344 -9.27 -3.87 -0.48
CA GLY A 344 -8.97 -4.97 0.38
C GLY A 344 -8.94 -4.35 1.75
N TYR A 345 -8.07 -4.81 2.62
CA TYR A 345 -7.98 -4.26 3.94
C TYR A 345 -6.98 -3.14 3.96
N THR A 346 -7.31 -2.07 3.30
CA THR A 346 -6.43 -0.94 3.22
C THR A 346 -7.17 0.29 3.64
N LYS A 347 -6.44 1.34 3.93
CA LYS A 347 -7.08 2.53 4.39
C LYS A 347 -8.11 2.95 3.39
N GLY A 348 -9.26 3.33 3.92
CA GLY A 348 -10.38 3.79 3.13
C GLY A 348 -11.37 2.79 2.63
N ALA A 349 -11.16 1.54 2.96
CA ALA A 349 -12.05 0.49 2.51
C ALA A 349 -13.43 0.55 3.09
N ARG A 350 -14.38 0.07 2.31
CA ARG A 350 -15.76 -0.01 2.71
C ARG A 350 -16.20 -1.34 2.19
N ASN A 351 -15.63 -2.37 2.78
CA ASN A 351 -15.93 -3.70 2.35
C ASN A 351 -17.34 -4.07 2.63
N GLU A 352 -18.00 -3.20 3.34
CA GLU A 352 -19.36 -3.39 3.67
C GLU A 352 -20.11 -3.43 2.38
N LEU A 353 -19.68 -2.65 1.41
CA LEU A 353 -20.36 -2.64 0.15
C LEU A 353 -20.31 -4.00 -0.49
N PHE A 354 -19.17 -4.63 -0.45
CA PHE A 354 -19.00 -5.94 -1.02
C PHE A 354 -19.75 -7.05 -0.29
N ALA A 355 -19.89 -6.88 1.00
CA ALA A 355 -20.60 -7.82 1.83
C ALA A 355 -22.07 -7.91 1.43
N LEU A 356 -22.62 -6.79 1.01
CA LEU A 356 -24.00 -6.71 0.58
C LEU A 356 -24.27 -7.32 -0.77
N ARG A 357 -23.22 -7.65 -1.51
CA ARG A 357 -23.37 -8.28 -2.81
C ARG A 357 -24.27 -7.60 -3.83
N PRO A 358 -24.01 -6.34 -4.10
CA PRO A 358 -24.79 -5.58 -5.07
C PRO A 358 -24.61 -6.08 -6.49
N ALA A 359 -23.63 -6.93 -6.72
CA ALA A 359 -23.41 -7.42 -8.07
C ALA A 359 -23.19 -8.91 -8.08
N PRO A 360 -23.44 -9.52 -9.22
CA PRO A 360 -23.29 -10.96 -9.37
C PRO A 360 -21.88 -11.45 -9.19
N ILE A 361 -20.91 -10.70 -9.67
CA ILE A 361 -19.54 -11.14 -9.56
C ILE A 361 -18.68 -10.09 -8.89
N GLN A 362 -17.97 -10.48 -7.85
CA GLN A 362 -17.12 -9.54 -7.14
C GLN A 362 -15.70 -10.00 -7.13
N ALA A 363 -14.80 -9.16 -7.60
CA ALA A 363 -13.40 -9.50 -7.72
C ALA A 363 -12.43 -8.57 -7.04
N MET A 364 -11.34 -9.14 -6.56
CA MET A 364 -10.28 -8.40 -5.89
C MET A 364 -9.23 -8.07 -6.89
N TRP A 365 -8.90 -6.79 -7.06
CA TRP A 365 -7.89 -6.44 -8.04
C TRP A 365 -6.86 -5.35 -7.72
N LEU A 366 -5.58 -5.68 -7.85
CA LEU A 366 -4.54 -4.68 -7.74
C LEU A 366 -4.16 -4.02 -6.45
N GLY A 367 -5.12 -3.42 -5.79
CA GLY A 367 -4.90 -2.69 -4.56
C GLY A 367 -4.39 -3.38 -3.32
N TYR A 368 -4.85 -4.58 -3.06
CA TYR A 368 -4.43 -5.28 -1.89
C TYR A 368 -3.72 -6.55 -2.27
N PRO A 369 -2.48 -6.73 -1.87
CA PRO A 369 -1.77 -7.94 -2.22
C PRO A 369 -1.99 -9.06 -1.23
N GLY A 370 -3.22 -9.53 -1.14
CA GLY A 370 -3.55 -10.61 -0.25
C GLY A 370 -4.96 -11.09 -0.48
N THR A 371 -5.36 -12.19 0.11
CA THR A 371 -6.72 -12.65 -0.05
C THR A 371 -7.67 -11.97 0.90
N SER A 372 -8.90 -11.75 0.45
CA SER A 372 -9.89 -11.14 1.30
C SER A 372 -10.18 -12.10 2.41
N GLY A 373 -10.13 -13.38 2.10
CA GLY A 373 -10.39 -14.40 3.08
C GLY A 373 -11.86 -14.44 3.39
N ALA A 374 -12.62 -13.71 2.60
CA ALA A 374 -14.05 -13.57 2.77
C ALA A 374 -14.93 -14.18 1.70
N LEU A 375 -16.10 -14.58 2.14
CA LEU A 375 -17.08 -15.21 1.29
C LEU A 375 -17.61 -14.34 0.18
N PHE A 376 -17.72 -13.05 0.43
CA PHE A 376 -18.28 -12.14 -0.56
C PHE A 376 -17.47 -11.83 -1.78
N MET A 377 -16.24 -12.29 -1.85
CA MET A 377 -15.46 -12.01 -3.02
C MET A 377 -15.27 -13.30 -3.77
N ASP A 378 -15.73 -13.33 -5.00
CA ASP A 378 -15.60 -14.49 -5.85
C ASP A 378 -14.23 -14.82 -6.39
N TYR A 379 -13.53 -13.81 -6.85
CA TYR A 379 -12.23 -14.00 -7.46
C TYR A 379 -11.17 -13.04 -7.06
N ILE A 380 -9.92 -13.40 -7.27
CA ILE A 380 -8.81 -12.50 -7.06
C ILE A 380 -8.06 -12.51 -8.37
N ILE A 381 -7.95 -11.39 -9.05
CA ILE A 381 -7.24 -11.35 -10.31
C ILE A 381 -5.75 -11.44 -10.08
N THR A 382 -5.09 -12.37 -10.75
CA THR A 382 -3.66 -12.58 -10.58
C THR A 382 -3.05 -13.06 -11.87
N ASP A 383 -1.86 -13.58 -11.73
CA ASP A 383 -1.14 -14.13 -12.83
C ASP A 383 -0.55 -15.41 -12.32
N GLN A 384 -0.20 -16.26 -13.25
CA GLN A 384 0.32 -17.56 -12.92
C GLN A 384 1.57 -17.50 -12.12
N GLU A 385 2.45 -16.57 -12.43
CA GLU A 385 3.68 -16.46 -11.67
C GLU A 385 3.40 -16.04 -10.26
N THR A 386 2.56 -15.05 -10.12
CA THR A 386 2.21 -14.55 -8.82
C THR A 386 1.42 -15.53 -7.99
N SER A 387 0.46 -16.20 -8.58
CA SER A 387 -0.35 -17.13 -7.83
C SER A 387 -0.49 -18.49 -8.46
N PRO A 388 0.54 -19.29 -8.33
CA PRO A 388 0.55 -20.63 -8.86
C PRO A 388 -0.51 -21.46 -8.18
N ALA A 389 -1.10 -22.38 -8.92
CA ALA A 389 -2.18 -23.20 -8.43
C ALA A 389 -1.75 -24.04 -7.26
N GLU A 390 -0.45 -24.15 -7.07
CA GLU A 390 0.06 -24.93 -5.99
C GLU A 390 -0.43 -24.34 -4.70
N VAL A 391 -0.48 -23.02 -4.65
CA VAL A 391 -0.86 -22.28 -3.45
C VAL A 391 -2.25 -21.71 -3.43
N ALA A 392 -3.14 -22.26 -4.23
CA ALA A 392 -4.47 -21.72 -4.32
C ALA A 392 -5.18 -21.69 -2.98
N GLU A 393 -4.84 -22.63 -2.13
CA GLU A 393 -5.44 -22.74 -0.82
C GLU A 393 -5.12 -21.53 0.01
N GLN A 394 -4.05 -20.84 -0.33
CA GLN A 394 -3.64 -19.67 0.41
C GLN A 394 -4.69 -18.60 0.25
N TYR A 395 -5.53 -18.75 -0.77
CA TYR A 395 -6.57 -17.78 -1.04
C TYR A 395 -7.95 -18.31 -0.89
N SER A 396 -8.79 -17.52 -0.27
CA SER A 396 -10.19 -17.85 -0.13
C SER A 396 -10.84 -17.80 -1.50
N GLU A 397 -10.43 -16.84 -2.30
CA GLU A 397 -10.97 -16.62 -3.63
C GLU A 397 -10.53 -17.59 -4.71
N LYS A 398 -11.32 -17.65 -5.78
CA LYS A 398 -11.01 -18.46 -6.93
C LYS A 398 -10.01 -17.63 -7.69
N LEU A 399 -9.06 -18.24 -8.38
CA LEU A 399 -8.09 -17.46 -9.10
C LEU A 399 -8.44 -17.18 -10.54
N ALA A 400 -8.33 -15.92 -10.94
CA ALA A 400 -8.58 -15.49 -12.29
C ALA A 400 -7.25 -14.99 -12.78
N TYR A 401 -6.69 -15.65 -13.79
CA TYR A 401 -5.39 -15.29 -14.29
C TYR A 401 -5.37 -14.28 -15.40
N MET A 402 -4.30 -13.52 -15.42
CA MET A 402 -4.07 -12.54 -16.44
C MET A 402 -2.97 -13.19 -17.24
N PRO A 403 -2.89 -12.89 -18.51
CA PRO A 403 -1.92 -13.55 -19.37
C PRO A 403 -0.49 -13.40 -18.99
N HIS A 404 -0.04 -12.24 -18.57
CA HIS A 404 1.34 -12.10 -18.19
C HIS A 404 1.48 -11.75 -16.75
N THR A 405 1.04 -10.55 -16.40
CA THR A 405 1.05 -10.15 -15.03
C THR A 405 -0.17 -9.32 -14.74
N PHE A 406 -0.73 -9.47 -13.56
CA PHE A 406 -1.90 -8.72 -13.17
C PHE A 406 -1.54 -7.26 -13.00
N PHE A 407 -0.29 -7.01 -12.63
CA PHE A 407 0.23 -5.68 -12.42
C PHE A 407 0.36 -4.80 -13.64
N ILE A 408 0.22 -3.51 -13.42
CA ILE A 408 0.30 -2.54 -14.48
C ILE A 408 0.73 -1.20 -13.92
N GLY A 409 1.19 -0.30 -14.74
CA GLY A 409 1.63 0.99 -14.28
C GLY A 409 1.34 2.01 -15.32
N ASP A 410 1.30 3.28 -14.96
CA ASP A 410 1.02 4.32 -15.91
C ASP A 410 2.21 5.15 -16.28
N HIS A 411 3.38 4.58 -16.12
CA HIS A 411 4.63 5.26 -16.37
C HIS A 411 4.82 5.73 -17.78
N ALA A 412 4.29 4.99 -18.73
CA ALA A 412 4.46 5.36 -20.11
C ALA A 412 3.81 6.67 -20.32
N ASN A 413 2.59 6.79 -19.84
CA ASN A 413 1.85 8.03 -19.92
C ASN A 413 2.35 9.13 -19.00
N MET A 414 2.63 8.77 -17.76
CA MET A 414 3.12 9.71 -16.77
C MET A 414 4.53 10.25 -16.93
N PHE A 415 5.48 9.40 -17.31
CA PHE A 415 6.83 9.89 -17.42
C PHE A 415 7.51 9.59 -18.75
N PRO A 416 6.97 10.10 -19.83
CA PRO A 416 7.55 9.89 -21.14
C PRO A 416 8.90 10.57 -21.28
N HIS A 417 9.20 11.51 -20.42
CA HIS A 417 10.47 12.21 -20.50
C HIS A 417 11.63 11.29 -20.22
N LEU A 418 11.34 10.15 -19.63
CA LEU A 418 12.36 9.20 -19.31
C LEU A 418 12.55 8.14 -20.37
N LYS A 419 11.85 8.27 -21.47
CA LYS A 419 11.99 7.32 -22.55
C LYS A 419 13.38 7.40 -23.13
N LYS A 420 13.94 8.59 -23.16
CA LYS A 420 15.26 8.83 -23.70
C LYS A 420 16.13 9.54 -22.70
N LYS A 421 17.43 9.45 -22.88
CA LYS A 421 18.35 10.08 -21.98
C LYS A 421 19.64 10.43 -22.65
N ALA A 422 20.45 11.21 -21.98
CA ALA A 422 21.74 11.60 -22.49
C ALA A 422 22.62 11.77 -21.29
N VAL A 423 23.92 11.81 -21.48
CA VAL A 423 24.84 11.94 -20.38
C VAL A 423 25.96 12.88 -20.67
N ILE A 424 26.73 13.20 -19.65
CA ILE A 424 27.89 14.07 -19.77
C ILE A 424 29.14 13.29 -19.39
N ASP A 425 30.13 13.30 -20.27
CA ASP A 425 31.37 12.60 -20.03
C ASP A 425 32.27 13.50 -19.24
N PHE A 426 32.01 13.54 -17.95
CA PHE A 426 32.75 14.34 -17.01
C PHE A 426 34.20 14.05 -16.67
N LYS A 427 34.55 12.77 -16.55
CA LYS A 427 35.86 12.38 -16.07
C LYS A 427 37.18 12.74 -16.75
N SER A 428 37.20 12.86 -18.07
CA SER A 428 36.04 12.56 -18.88
C SER A 428 36.43 11.52 -19.90
N ASN A 429 37.70 11.56 -20.26
CA ASN A 429 38.26 10.69 -21.27
C ASN A 429 38.27 9.21 -20.94
N GLY A 430 38.55 8.87 -19.69
CA GLY A 430 38.54 7.46 -19.37
C GLY A 430 37.23 7.07 -18.75
N HIS A 431 36.46 6.27 -19.50
CA HIS A 431 35.19 5.75 -19.03
C HIS A 431 33.97 6.58 -19.34
N ILE A 432 32.97 5.96 -19.94
CA ILE A 432 31.74 6.67 -20.19
C ILE A 432 30.63 5.90 -19.49
N TYR A 433 29.97 6.58 -18.56
CA TYR A 433 28.93 5.99 -17.75
C TYR A 433 27.55 6.39 -18.13
N ASP A 434 26.59 5.49 -17.97
CA ASP A 434 25.22 5.80 -18.26
C ASP A 434 24.47 6.32 -17.06
N ASN A 435 25.06 6.26 -15.89
CA ASN A 435 24.37 6.70 -14.70
C ASN A 435 25.04 7.68 -13.74
N ARG A 436 25.99 8.46 -14.17
CA ARG A 436 26.59 9.41 -13.26
C ARG A 436 25.97 10.77 -13.43
N ILE A 437 25.84 11.23 -14.66
CA ILE A 437 25.19 12.49 -14.94
C ILE A 437 24.17 12.22 -16.02
N VAL A 438 22.90 12.48 -15.75
CA VAL A 438 21.86 12.19 -16.72
C VAL A 438 20.94 13.34 -17.07
N LEU A 439 20.51 13.37 -18.32
CA LEU A 439 19.62 14.39 -18.82
C LEU A 439 18.39 13.76 -19.36
N ASN A 440 17.22 14.30 -19.06
CA ASN A 440 15.97 13.78 -19.59
C ASN A 440 15.06 14.91 -20.02
N GLY A 441 14.44 14.79 -21.18
CA GLY A 441 13.54 15.81 -21.63
C GLY A 441 12.70 15.50 -22.84
N ILE A 442 11.61 16.22 -22.98
CA ILE A 442 10.75 16.12 -24.14
C ILE A 442 11.48 16.77 -25.30
N ASP A 443 12.26 17.78 -24.96
CA ASP A 443 13.00 18.60 -25.89
C ASP A 443 14.46 18.25 -25.98
N LEU A 444 14.83 17.07 -25.51
CA LEU A 444 16.21 16.71 -25.49
C LEU A 444 16.86 16.63 -26.85
N LYS A 445 16.21 15.96 -27.78
CA LYS A 445 16.79 15.81 -29.08
C LYS A 445 17.00 17.18 -29.68
N ALA A 446 16.01 18.02 -29.52
CA ALA A 446 16.10 19.33 -30.07
C ALA A 446 17.28 20.01 -29.51
N PHE A 447 17.50 19.83 -28.23
CA PHE A 447 18.62 20.48 -27.60
C PHE A 447 19.93 19.99 -28.17
N LEU A 448 20.00 18.69 -28.39
CA LEU A 448 21.18 18.01 -28.90
C LEU A 448 21.58 18.43 -30.31
N ASP A 449 20.61 18.81 -31.11
CA ASP A 449 20.86 19.22 -32.45
C ASP A 449 21.72 20.47 -32.41
N SER A 450 21.50 21.31 -31.43
CA SER A 450 22.26 22.53 -31.25
C SER A 450 23.72 22.30 -30.90
N LEU A 451 24.03 21.14 -30.35
CA LEU A 451 25.39 20.87 -29.97
C LEU A 451 26.07 19.95 -30.94
N PRO A 452 27.06 20.48 -31.62
CA PRO A 452 27.82 19.74 -32.59
C PRO A 452 28.71 18.62 -32.08
N ASP A 453 29.33 18.81 -30.93
CA ASP A 453 30.25 17.82 -30.39
C ASP A 453 29.67 16.62 -29.67
N VAL A 454 28.37 16.55 -29.53
CA VAL A 454 27.81 15.44 -28.83
C VAL A 454 28.17 14.21 -29.60
N LYS A 455 28.44 13.14 -28.87
CA LYS A 455 28.84 11.90 -29.48
C LYS A 455 27.80 10.85 -29.22
N ILE A 456 27.41 10.14 -30.25
CA ILE A 456 26.43 9.12 -30.08
C ILE A 456 27.13 7.82 -29.79
N VAL A 457 26.63 7.12 -28.79
CA VAL A 457 27.16 5.84 -28.39
C VAL A 457 26.01 4.87 -28.43
N LYS A 458 26.24 3.70 -29.02
CA LYS A 458 25.20 2.71 -29.11
C LYS A 458 25.76 1.31 -29.00
N ASN A 476 20.71 3.78 -28.84
CA ASN A 476 21.97 4.18 -28.23
C ASN A 476 21.87 5.47 -27.43
N MET A 477 23.00 5.90 -26.89
CA MET A 477 23.01 7.05 -26.02
C MET A 477 23.91 8.22 -26.37
N PRO A 478 23.35 9.40 -26.33
CA PRO A 478 24.07 10.62 -26.63
C PRO A 478 24.99 11.01 -25.52
N VAL A 479 26.23 11.37 -25.81
CA VAL A 479 27.13 11.75 -24.76
C VAL A 479 27.63 13.15 -24.98
N ILE A 480 27.57 13.98 -23.96
CA ILE A 480 28.02 15.34 -24.12
C ILE A 480 29.37 15.43 -23.49
N PRO A 481 30.31 16.05 -24.17
CA PRO A 481 31.67 16.21 -23.69
C PRO A 481 31.84 17.30 -22.65
N MET A 482 33.04 17.51 -22.16
CA MET A 482 33.25 18.52 -21.15
C MET A 482 33.33 19.87 -21.81
N ASN A 483 32.15 20.25 -22.23
CA ASN A 483 31.82 21.45 -22.92
C ASN A 483 31.70 22.63 -22.06
N THR A 484 31.64 23.77 -22.70
CA THR A 484 31.42 25.00 -22.02
C THR A 484 30.00 24.85 -21.45
N ILE A 485 29.15 24.25 -22.25
CA ILE A 485 27.78 23.97 -21.90
C ILE A 485 27.73 22.99 -20.73
N ALA A 486 28.53 21.96 -20.85
CA ALA A 486 28.58 20.94 -19.84
C ALA A 486 29.05 21.56 -18.58
N GLU A 487 29.99 22.47 -18.71
CA GLU A 487 30.53 23.10 -17.54
C GLU A 487 29.49 23.90 -16.82
N ALA A 488 28.67 24.60 -17.57
CA ALA A 488 27.64 25.41 -16.98
C ALA A 488 26.61 24.58 -16.25
N VAL A 489 26.23 23.47 -16.82
CA VAL A 489 25.24 22.66 -16.20
C VAL A 489 25.70 22.13 -14.86
N ILE A 490 26.84 21.49 -14.83
CA ILE A 490 27.30 20.95 -13.58
C ILE A 490 27.51 22.05 -12.57
N GLU A 491 27.79 23.24 -13.05
CA GLU A 491 27.97 24.36 -12.17
C GLU A 491 26.66 24.66 -11.48
N MET A 492 25.59 24.59 -12.24
CA MET A 492 24.28 24.88 -11.73
C MET A 492 23.96 23.89 -10.65
N ILE A 493 24.30 22.64 -10.88
CA ILE A 493 24.06 21.61 -9.90
C ILE A 493 24.87 21.89 -8.67
N ASN A 494 26.13 22.24 -8.85
CA ASN A 494 26.98 22.52 -7.71
C ASN A 494 26.54 23.70 -6.91
N ARG A 495 26.11 24.75 -7.60
CA ARG A 495 25.67 25.95 -6.95
C ARG A 495 24.25 25.90 -6.45
N GLY A 496 23.52 24.87 -6.80
CA GLY A 496 22.15 24.77 -6.36
C GLY A 496 21.10 25.62 -7.06
N GLN A 497 21.39 26.07 -8.27
CA GLN A 497 20.45 26.89 -9.00
C GLN A 497 19.26 26.09 -9.44
N ILE A 498 18.12 26.74 -9.61
CA ILE A 498 16.93 26.06 -10.08
C ILE A 498 16.99 25.60 -11.52
N GLN A 499 17.30 26.52 -12.42
CA GLN A 499 17.40 26.21 -13.83
C GLN A 499 18.21 27.24 -14.58
N ILE A 500 18.67 26.91 -15.77
CA ILE A 500 19.42 27.81 -16.61
C ILE A 500 18.97 27.68 -18.03
N THR A 501 19.32 28.64 -18.86
CA THR A 501 18.89 28.60 -20.24
C THR A 501 20.05 28.53 -21.20
N ILE A 502 20.03 27.53 -22.06
CA ILE A 502 21.09 27.39 -23.01
C ILE A 502 20.51 27.27 -24.40
N ASN A 503 20.80 28.27 -25.22
CA ASN A 503 20.31 28.33 -26.57
C ASN A 503 18.81 28.28 -26.57
N GLY A 504 18.23 28.95 -25.59
CA GLY A 504 16.80 29.02 -25.44
C GLY A 504 16.14 27.87 -24.75
N PHE A 505 16.87 26.82 -24.43
CA PHE A 505 16.27 25.70 -23.77
C PHE A 505 16.42 25.83 -22.29
N SER A 506 15.47 25.28 -21.56
CA SER A 506 15.51 25.34 -20.12
C SER A 506 16.08 24.06 -19.59
N ILE A 507 17.18 24.19 -18.90
CA ILE A 507 17.84 23.06 -18.31
C ILE A 507 17.64 23.24 -16.84
N SER A 508 17.08 22.26 -16.18
CA SER A 508 16.83 22.39 -14.77
C SER A 508 17.40 21.35 -13.86
N ASN A 509 17.64 21.81 -12.65
CA ASN A 509 18.16 21.02 -11.58
C ASN A 509 17.11 20.04 -11.21
N GLY A 510 17.49 18.80 -11.10
CA GLY A 510 16.60 17.72 -10.76
C GLY A 510 15.98 17.88 -9.41
N LEU A 511 16.73 18.45 -8.50
CA LEU A 511 16.28 18.66 -7.15
C LEU A 511 15.24 19.74 -7.00
N ALA A 512 15.07 20.57 -8.00
CA ALA A 512 14.15 21.70 -7.95
C ALA A 512 12.88 21.66 -8.76
N THR A 513 12.40 20.49 -9.14
CA THR A 513 11.20 20.41 -9.97
C THR A 513 9.94 21.04 -9.45
N THR A 514 9.68 20.93 -8.15
CA THR A 514 8.48 21.52 -7.59
C THR A 514 8.55 23.00 -7.78
N GLN A 515 9.73 23.57 -7.65
CA GLN A 515 9.86 24.99 -7.78
C GLN A 515 9.49 25.44 -9.15
N ILE A 516 9.90 24.70 -10.16
CA ILE A 516 9.53 25.05 -11.49
C ILE A 516 8.07 24.79 -11.76
N ASN A 517 7.63 23.58 -11.50
CA ASN A 517 6.24 23.24 -11.67
C ASN A 517 5.91 22.08 -10.78
N ASN A 518 5.07 22.25 -9.77
CA ASN A 518 4.75 21.12 -8.91
C ASN A 518 3.91 20.01 -9.48
N LYS A 519 3.11 20.30 -10.46
CA LYS A 519 2.31 19.28 -11.07
C LYS A 519 3.25 18.29 -11.71
N ALA A 520 4.36 18.84 -12.17
CA ALA A 520 5.41 18.09 -12.77
C ALA A 520 6.10 17.20 -11.77
N ALA A 521 6.32 17.73 -10.59
CA ALA A 521 6.96 17.01 -9.52
C ALA A 521 6.15 15.84 -9.02
N THR A 522 4.84 15.98 -9.02
CA THR A 522 3.96 14.94 -8.54
C THR A 522 3.48 13.95 -9.57
N GLY A 523 3.80 14.15 -10.82
CA GLY A 523 3.33 13.24 -11.83
C GLY A 523 2.01 13.64 -12.41
N GLU A 524 1.50 14.76 -11.96
CA GLU A 524 0.26 15.31 -12.46
C GLU A 524 0.42 15.75 -13.90
N GLU A 525 1.61 16.21 -14.24
CA GLU A 525 1.87 16.66 -15.58
C GLU A 525 3.25 16.27 -15.97
N VAL A 526 3.51 16.20 -17.26
CA VAL A 526 4.81 15.85 -17.75
C VAL A 526 5.67 17.07 -17.69
N PRO A 527 6.90 16.95 -17.24
CA PRO A 527 7.76 18.11 -17.13
C PRO A 527 8.14 18.78 -18.44
N ARG A 528 8.04 20.09 -18.49
CA ARG A 528 8.42 20.84 -19.65
C ARG A 528 9.93 20.96 -19.94
N THR A 529 10.74 21.14 -18.92
CA THR A 529 12.18 21.31 -19.06
C THR A 529 13.05 20.06 -19.18
N ILE A 530 14.33 20.27 -19.42
CA ILE A 530 15.28 19.20 -19.56
C ILE A 530 15.88 19.08 -18.19
N ILE A 531 15.85 17.90 -17.63
CA ILE A 531 16.32 17.71 -16.29
C ILE A 531 17.61 16.97 -16.08
N VAL A 532 18.39 17.52 -15.18
CA VAL A 532 19.67 16.98 -14.85
C VAL A 532 19.63 16.27 -13.51
N THR A 533 19.99 15.00 -13.52
CA THR A 533 20.03 14.17 -12.35
C THR A 533 21.45 13.70 -12.18
N THR A 534 22.05 13.95 -11.03
CA THR A 534 23.43 13.53 -10.80
C THR A 534 23.66 12.76 -9.52
N ARG A 535 24.66 11.92 -9.52
CA ARG A 535 24.99 11.15 -8.35
C ARG A 535 25.43 12.06 -7.25
N SER A 536 26.09 13.13 -7.62
CA SER A 536 26.59 14.08 -6.66
C SER A 536 25.46 14.68 -5.86
N GLN A 537 24.30 14.76 -6.49
CA GLN A 537 23.13 15.33 -5.89
C GLN A 537 22.76 14.57 -4.66
N TYR A 538 22.93 13.26 -4.73
CA TYR A 538 22.56 12.38 -3.66
C TYR A 538 23.71 11.82 -2.83
N GLY A 539 24.92 12.29 -3.06
CA GLY A 539 26.05 11.83 -2.29
C GLY A 539 26.56 10.47 -2.67
N LEU A 540 26.15 10.00 -3.83
CA LEU A 540 26.57 8.73 -4.34
C LEU A 540 27.95 8.76 -4.94
N PRO A 541 28.68 7.66 -4.89
CA PRO A 541 30.00 7.62 -5.48
C PRO A 541 29.99 7.53 -7.00
N GLU A 542 30.99 8.12 -7.62
CA GLU A 542 31.10 8.08 -9.06
C GLU A 542 31.91 6.89 -9.53
N ASP A 543 32.68 6.30 -8.63
CA ASP A 543 33.55 5.20 -8.95
C ASP A 543 33.09 3.82 -8.52
N ALA A 544 31.85 3.69 -8.10
CA ALA A 544 31.41 2.40 -7.63
C ALA A 544 30.02 2.01 -7.99
N ILE A 545 29.73 0.74 -7.83
CA ILE A 545 28.41 0.21 -8.09
C ILE A 545 27.45 0.67 -7.02
N VAL A 546 26.25 1.04 -7.42
CA VAL A 546 25.24 1.49 -6.50
C VAL A 546 24.14 0.47 -6.53
N TYR A 547 23.83 -0.10 -5.38
CA TYR A 547 22.75 -1.05 -5.26
C TYR A 547 21.66 -0.29 -4.58
N CYS A 548 20.42 -0.47 -4.98
CA CYS A 548 19.35 0.29 -4.40
C CYS A 548 18.07 -0.41 -4.06
N ASN A 549 17.34 0.22 -3.17
CA ASN A 549 16.01 -0.18 -2.81
C ASN A 549 15.27 1.06 -2.36
N PHE A 550 14.14 1.32 -2.97
CA PHE A 550 13.35 2.50 -2.65
C PHE A 550 12.06 2.24 -1.86
N ASN A 551 11.92 1.06 -1.32
CA ASN A 551 10.76 0.67 -0.56
C ASN A 551 10.70 1.28 0.82
N GLN A 552 9.57 1.11 1.48
CA GLN A 552 9.42 1.61 2.83
C GLN A 552 10.27 0.66 3.65
N LEU A 553 10.88 1.15 4.71
CA LEU A 553 11.77 0.32 5.50
C LEU A 553 11.15 -0.91 6.14
N TYR A 554 9.86 -0.89 6.33
CA TYR A 554 9.17 -1.98 6.95
C TYR A 554 9.25 -3.27 6.16
N LYS A 555 9.60 -3.17 4.91
CA LYS A 555 9.71 -4.33 4.08
C LYS A 555 11.00 -5.09 4.29
N ILE A 556 11.89 -4.51 5.07
CA ILE A 556 13.18 -5.09 5.37
C ILE A 556 13.23 -5.78 6.71
N ASP A 557 13.77 -6.98 6.71
CA ASP A 557 13.92 -7.75 7.91
C ASP A 557 15.37 -8.03 8.02
N PRO A 558 15.82 -8.48 9.16
CA PRO A 558 17.24 -8.68 9.38
C PRO A 558 17.81 -9.62 8.39
N SER A 559 17.02 -10.59 8.02
CA SER A 559 17.45 -11.60 7.11
C SER A 559 17.81 -10.99 5.78
N THR A 560 17.01 -10.04 5.33
CA THR A 560 17.27 -9.37 4.08
C THR A 560 18.53 -8.56 4.12
N LEU A 561 18.78 -7.89 5.22
CA LEU A 561 19.94 -7.06 5.34
C LEU A 561 21.18 -7.90 5.23
N GLN A 562 21.16 -9.06 5.84
CA GLN A 562 22.31 -9.92 5.80
C GLN A 562 22.58 -10.31 4.39
N MET A 563 21.56 -10.69 3.67
CA MET A 563 21.72 -11.12 2.31
C MET A 563 22.34 -9.99 1.55
N TRP A 564 21.87 -8.78 1.79
CA TRP A 564 22.42 -7.64 1.11
C TRP A 564 23.86 -7.45 1.52
N ALA A 565 24.16 -7.71 2.77
CA ALA A 565 25.50 -7.55 3.29
C ALA A 565 26.46 -8.50 2.61
N ASN A 566 26.00 -9.71 2.37
CA ASN A 566 26.80 -10.70 1.76
C ASN A 566 27.21 -10.22 0.41
N ILE A 567 26.27 -9.65 -0.30
CA ILE A 567 26.50 -9.12 -1.61
C ILE A 567 27.50 -7.98 -1.60
N LEU A 568 27.34 -7.07 -0.69
CA LEU A 568 28.22 -5.95 -0.62
C LEU A 568 29.64 -6.36 -0.34
N LYS A 569 29.78 -7.37 0.48
CA LYS A 569 31.08 -7.84 0.86
C LYS A 569 31.86 -8.32 -0.33
N ARG A 570 31.14 -8.87 -1.29
CA ARG A 570 31.73 -9.40 -2.50
C ARG A 570 32.00 -8.39 -3.61
N VAL A 571 31.53 -7.16 -3.48
CA VAL A 571 31.79 -6.16 -4.50
C VAL A 571 32.45 -5.06 -3.71
N PRO A 572 33.72 -4.86 -3.94
CA PRO A 572 34.50 -3.95 -3.12
C PRO A 572 34.12 -2.53 -2.92
N ASN A 573 33.80 -1.72 -3.91
CA ASN A 573 33.47 -0.36 -3.54
C ASN A 573 32.02 0.02 -3.64
N SER A 574 31.17 -0.97 -3.76
CA SER A 574 29.76 -0.79 -3.92
C SER A 574 29.11 -0.25 -2.69
N VAL A 575 27.92 0.30 -2.89
CA VAL A 575 27.14 0.89 -1.83
C VAL A 575 25.68 0.56 -1.97
N LEU A 576 24.97 0.70 -0.86
CA LEU A 576 23.56 0.46 -0.84
C LEU A 576 22.88 1.79 -0.62
N TRP A 577 21.89 2.07 -1.45
CA TRP A 577 21.13 3.31 -1.43
C TRP A 577 19.75 3.01 -0.92
N LEU A 578 19.36 3.70 0.15
CA LEU A 578 18.06 3.51 0.79
C LEU A 578 17.41 4.82 1.12
N LEU A 579 16.16 4.77 1.52
CA LEU A 579 15.39 5.97 1.85
C LEU A 579 15.00 6.16 3.30
N ARG A 580 14.87 7.42 3.71
CA ARG A 580 14.46 7.76 5.04
C ARG A 580 12.98 7.68 4.96
N PHE A 581 12.51 6.46 5.02
CA PHE A 581 11.13 6.12 4.88
C PHE A 581 10.68 5.11 5.94
N PRO A 582 10.58 5.49 7.19
CA PRO A 582 10.86 6.81 7.74
C PRO A 582 12.28 7.02 8.15
N ALA A 583 12.61 8.27 8.43
CA ALA A 583 13.94 8.65 8.83
C ALA A 583 14.45 8.07 10.12
N VAL A 584 13.59 7.80 11.08
CA VAL A 584 14.05 7.28 12.36
C VAL A 584 14.62 5.90 12.20
N GLY A 585 14.30 5.30 11.09
CA GLY A 585 14.79 3.98 10.75
C GLY A 585 16.25 3.90 10.43
N GLU A 586 16.83 4.97 9.93
CA GLU A 586 18.19 4.93 9.48
C GLU A 586 19.22 4.53 10.50
N PRO A 587 19.21 5.07 11.69
CA PRO A 587 20.22 4.70 12.66
C PRO A 587 20.16 3.24 12.98
N ASN A 588 18.99 2.68 13.03
CA ASN A 588 18.89 1.28 13.33
C ASN A 588 19.53 0.45 12.28
N ILE A 589 19.29 0.80 11.03
CA ILE A 589 19.82 0.06 9.92
C ILE A 589 21.33 0.12 9.94
N GLN A 590 21.88 1.28 10.22
CA GLN A 590 23.30 1.43 10.22
C GLN A 590 23.95 0.57 11.27
N GLN A 591 23.42 0.56 12.47
CA GLN A 591 24.01 -0.21 13.52
C GLN A 591 23.97 -1.67 13.19
N TYR A 592 22.84 -2.14 12.70
CA TYR A 592 22.70 -3.53 12.38
C TYR A 592 23.69 -3.90 11.32
N ALA A 593 23.84 -3.03 10.34
CA ALA A 593 24.75 -3.29 9.26
C ALA A 593 26.18 -3.39 9.73
N GLN A 594 26.55 -2.52 10.65
CA GLN A 594 27.89 -2.53 11.15
C GLN A 594 28.14 -3.86 11.80
N ASN A 595 27.17 -4.36 12.53
CA ASN A 595 27.36 -5.62 13.19
C ASN A 595 27.63 -6.67 12.16
N MET A 596 26.93 -6.64 11.05
CA MET A 596 27.14 -7.57 9.96
C MET A 596 28.41 -7.41 9.13
N GLY A 597 28.67 -6.20 8.69
CA GLY A 597 29.81 -5.90 7.83
C GLY A 597 30.82 -4.99 8.47
N LEU A 598 30.85 -3.71 8.14
CA LEU A 598 30.07 -3.07 7.12
C LEU A 598 30.09 -1.63 7.54
N PRO A 599 31.13 -0.91 7.17
CA PRO A 599 31.27 0.46 7.60
C PRO A 599 30.12 1.31 7.14
N GLN A 600 29.87 2.37 7.87
CA GLN A 600 28.74 3.24 7.65
C GLN A 600 28.70 3.86 6.27
N ASN A 601 29.87 4.09 5.72
CA ASN A 601 29.97 4.66 4.40
C ASN A 601 29.39 3.73 3.37
N ARG A 602 29.29 2.45 3.70
CA ARG A 602 28.76 1.46 2.79
C ARG A 602 27.27 1.64 2.47
N ILE A 603 26.55 2.34 3.32
CA ILE A 603 25.13 2.56 3.09
C ILE A 603 24.80 4.01 3.03
N ILE A 604 24.09 4.42 1.99
CA ILE A 604 23.73 5.81 1.81
C ILE A 604 22.24 6.01 1.74
N PHE A 605 21.76 6.95 2.51
CA PHE A 605 20.37 7.25 2.62
C PHE A 605 20.03 8.55 1.98
N SER A 606 18.83 8.60 1.41
CA SER A 606 18.34 9.81 0.80
C SER A 606 16.94 10.04 1.26
N PRO A 607 16.43 11.24 1.20
CA PRO A 607 15.06 11.48 1.63
C PRO A 607 14.05 11.05 0.60
N VAL A 608 12.82 10.89 1.01
CA VAL A 608 11.74 10.51 0.13
C VAL A 608 11.56 11.69 -0.78
N ALA A 609 11.17 11.45 -2.00
CA ALA A 609 11.04 12.51 -2.95
C ALA A 609 9.76 12.55 -3.67
N PRO A 610 9.53 13.62 -4.40
CA PRO A 610 8.32 13.76 -5.17
C PRO A 610 8.33 12.63 -6.15
N LYS A 611 7.16 12.25 -6.61
CA LYS A 611 7.04 11.10 -7.44
C LYS A 611 7.87 11.11 -8.68
N GLU A 612 7.91 12.20 -9.42
CA GLU A 612 8.70 12.23 -10.61
C GLU A 612 10.17 12.09 -10.35
N GLU A 613 10.68 12.78 -9.37
CA GLU A 613 12.08 12.71 -9.03
C GLU A 613 12.47 11.33 -8.56
N HIS A 614 11.57 10.68 -7.85
CA HIS A 614 11.83 9.36 -7.36
C HIS A 614 12.02 8.40 -8.51
N VAL A 615 11.14 8.46 -9.49
CA VAL A 615 11.27 7.58 -10.61
C VAL A 615 12.51 7.88 -11.39
N ARG A 616 12.78 9.15 -11.57
CA ARG A 616 13.93 9.60 -12.30
C ARG A 616 15.27 9.28 -11.69
N ARG A 617 15.42 9.41 -10.40
CA ARG A 617 16.69 9.13 -9.76
C ARG A 617 17.06 7.67 -9.81
N GLY A 618 16.13 6.86 -10.26
CA GLY A 618 16.33 5.45 -10.42
C GLY A 618 17.42 5.18 -11.43
N GLN A 619 17.57 6.09 -12.38
CA GLN A 619 18.57 5.96 -13.40
C GLN A 619 19.98 5.99 -12.84
N LEU A 620 20.18 6.66 -11.72
CA LEU A 620 21.48 6.73 -11.09
C LEU A 620 22.01 5.40 -10.60
N ALA A 621 21.13 4.55 -10.13
CA ALA A 621 21.51 3.25 -9.63
C ALA A 621 21.95 2.27 -10.69
N ASP A 622 22.79 1.32 -10.31
CA ASP A 622 23.22 0.31 -11.23
C ASP A 622 22.27 -0.85 -11.13
N VAL A 623 21.98 -1.27 -9.91
CA VAL A 623 21.07 -2.38 -9.72
C VAL A 623 20.18 -2.12 -8.56
N CYS A 624 19.01 -2.72 -8.56
CA CYS A 624 18.09 -2.57 -7.47
C CYS A 624 17.94 -3.92 -6.83
N LEU A 625 17.97 -3.99 -5.53
CA LEU A 625 17.81 -5.27 -4.87
C LEU A 625 16.45 -5.29 -4.26
N ASP A 626 15.60 -6.19 -4.73
CA ASP A 626 14.25 -6.27 -4.21
C ASP A 626 14.13 -6.84 -2.84
N THR A 627 13.04 -6.55 -2.17
CA THR A 627 12.85 -7.04 -0.83
C THR A 627 12.07 -8.32 -0.83
N PRO A 628 12.68 -9.38 -0.35
CA PRO A 628 12.05 -10.69 -0.34
C PRO A 628 10.82 -10.85 0.52
N LEU A 629 10.78 -10.24 1.69
CA LEU A 629 9.63 -10.38 2.55
C LEU A 629 8.39 -9.78 1.95
N CYS A 630 8.51 -8.57 1.49
CA CYS A 630 7.45 -7.91 0.77
C CYS A 630 8.20 -7.28 -0.36
N ASN A 631 7.81 -7.57 -1.58
CA ASN A 631 8.46 -7.03 -2.74
C ASN A 631 8.00 -5.63 -2.93
N GLY A 632 8.68 -4.92 -3.80
CA GLY A 632 8.29 -3.59 -4.13
C GLY A 632 7.24 -3.91 -5.15
N HIS A 633 6.14 -3.20 -5.14
CA HIS A 633 5.11 -3.49 -6.11
C HIS A 633 5.06 -2.30 -7.01
N THR A 634 4.56 -1.19 -6.53
CA THR A 634 4.54 0.00 -7.30
C THR A 634 5.97 0.35 -7.52
N THR A 635 6.72 0.21 -6.45
CA THR A 635 8.12 0.55 -6.44
C THR A 635 8.85 -0.25 -7.45
N GLY A 636 8.44 -1.49 -7.63
CA GLY A 636 9.07 -2.33 -8.62
C GLY A 636 8.87 -1.78 -10.00
N MET A 637 7.68 -1.30 -10.30
CA MET A 637 7.43 -0.71 -11.58
C MET A 637 8.25 0.55 -11.71
N ASP A 638 8.34 1.32 -10.65
CA ASP A 638 9.05 2.57 -10.71
C ASP A 638 10.48 2.35 -11.07
N VAL A 639 11.09 1.35 -10.48
CA VAL A 639 12.48 1.08 -10.76
C VAL A 639 12.74 0.62 -12.17
N LEU A 640 11.86 -0.21 -12.67
CA LEU A 640 11.99 -0.73 -14.00
C LEU A 640 11.89 0.32 -15.07
N TRP A 641 11.03 1.29 -14.87
CA TRP A 641 10.84 2.31 -15.87
C TRP A 641 12.13 3.05 -16.09
N ALA A 642 13.00 3.05 -15.11
CA ALA A 642 14.26 3.73 -15.22
C ALA A 642 15.29 2.90 -15.92
N GLY A 643 14.89 1.71 -16.32
CA GLY A 643 15.80 0.82 -16.99
C GLY A 643 16.84 0.24 -16.07
N THR A 644 16.50 0.14 -14.81
CA THR A 644 17.40 -0.40 -13.82
C THR A 644 16.97 -1.81 -13.53
N PRO A 645 17.86 -2.76 -13.58
CA PRO A 645 17.51 -4.14 -13.31
C PRO A 645 17.19 -4.39 -11.85
N MET A 646 16.24 -5.26 -11.60
CA MET A 646 15.84 -5.57 -10.26
C MET A 646 16.07 -7.05 -9.99
N VAL A 647 16.72 -7.39 -8.90
CA VAL A 647 16.96 -8.76 -8.55
C VAL A 647 15.95 -9.11 -7.49
N THR A 648 15.29 -10.23 -7.66
CA THR A 648 14.25 -10.66 -6.75
C THR A 648 14.27 -12.14 -6.42
N MET A 649 13.64 -12.51 -5.31
CA MET A 649 13.54 -13.89 -4.90
C MET A 649 12.13 -14.16 -4.48
N PRO A 650 11.30 -14.66 -5.35
CA PRO A 650 9.91 -14.91 -5.01
C PRO A 650 9.76 -15.89 -3.89
N GLY A 651 8.74 -15.67 -3.07
CA GLY A 651 8.45 -16.51 -1.93
C GLY A 651 7.06 -17.08 -2.01
N GLU A 652 6.57 -17.57 -0.89
CA GLU A 652 5.24 -18.13 -0.81
C GLU A 652 4.08 -17.16 -0.93
N THR A 653 4.16 -16.03 -0.25
CA THR A 653 3.11 -15.05 -0.26
C THR A 653 2.99 -14.34 -1.56
N LEU A 654 1.81 -13.82 -1.83
CA LEU A 654 1.57 -13.10 -3.05
C LEU A 654 2.42 -11.87 -3.10
N ALA A 655 2.54 -11.20 -1.97
CA ALA A 655 3.30 -9.99 -1.86
C ALA A 655 4.77 -10.20 -2.04
N SER A 656 5.20 -11.43 -1.86
CA SER A 656 6.58 -11.75 -2.03
C SER A 656 6.88 -12.17 -3.44
N ARG A 657 5.84 -12.38 -4.23
CA ARG A 657 6.05 -12.80 -5.59
C ARG A 657 5.78 -11.81 -6.68
N VAL A 658 5.39 -10.60 -6.37
CA VAL A 658 5.06 -9.64 -7.39
C VAL A 658 6.18 -9.24 -8.32
N ALA A 659 7.35 -9.00 -7.78
CA ALA A 659 8.47 -8.59 -8.59
C ALA A 659 8.85 -9.60 -9.63
N ALA A 660 8.79 -10.87 -9.30
CA ALA A 660 9.15 -11.90 -10.24
C ALA A 660 8.20 -11.88 -11.40
N SER A 661 6.93 -11.72 -11.09
CA SER A 661 5.90 -11.69 -12.09
C SER A 661 6.19 -10.54 -13.00
N GLN A 662 6.64 -9.44 -12.44
CA GLN A 662 6.93 -8.27 -13.24
C GLN A 662 8.04 -8.54 -14.22
N LEU A 663 9.11 -9.12 -13.71
CA LEU A 663 10.27 -9.42 -14.52
C LEU A 663 9.97 -10.43 -15.60
N THR A 664 9.14 -11.39 -15.29
CA THR A 664 8.79 -12.41 -16.24
C THR A 664 8.08 -11.77 -17.41
N CYS A 665 7.17 -10.87 -17.13
CA CYS A 665 6.46 -10.17 -18.17
C CYS A 665 7.44 -9.36 -18.95
N LEU A 666 8.34 -8.74 -18.23
CA LEU A 666 9.34 -7.88 -18.81
C LEU A 666 10.24 -8.65 -19.71
N GLY A 667 10.51 -9.90 -19.38
CA GLY A 667 11.43 -10.65 -20.20
C GLY A 667 12.80 -10.88 -19.63
N CYS A 668 12.96 -10.81 -18.33
CA CYS A 668 14.27 -10.99 -17.73
C CYS A 668 14.24 -12.07 -16.67
N LEU A 669 14.13 -13.29 -17.10
CA LEU A 669 14.08 -14.41 -16.20
C LEU A 669 15.36 -14.55 -15.45
N GLU A 670 16.41 -13.98 -16.03
CA GLU A 670 17.73 -14.05 -15.45
C GLU A 670 17.83 -13.32 -14.14
N LEU A 671 16.90 -12.43 -13.88
CA LEU A 671 16.94 -11.69 -12.65
C LEU A 671 16.18 -12.33 -11.51
N ILE A 672 15.46 -13.40 -11.80
CA ILE A 672 14.71 -14.08 -10.78
C ILE A 672 15.52 -15.15 -10.10
N ALA A 673 15.54 -15.14 -8.77
CA ALA A 673 16.32 -16.10 -8.01
C ALA A 673 15.50 -17.14 -7.30
N LYS A 674 15.97 -18.37 -7.34
CA LYS A 674 15.29 -19.46 -6.70
C LYS A 674 15.65 -19.61 -5.24
N ASN A 675 16.73 -18.98 -4.83
CA ASN A 675 17.12 -19.10 -3.45
C ASN A 675 18.09 -18.02 -3.14
N ARG A 676 18.46 -17.90 -1.89
CA ARG A 676 19.34 -16.85 -1.49
C ARG A 676 20.70 -16.86 -2.12
N GLN A 677 21.25 -18.05 -2.34
CA GLN A 677 22.56 -18.13 -2.92
C GLN A 677 22.50 -17.55 -4.31
N GLU A 678 21.49 -17.93 -5.06
CA GLU A 678 21.34 -17.47 -6.40
C GLU A 678 21.16 -15.98 -6.46
N TYR A 679 20.37 -15.45 -5.55
CA TYR A 679 20.09 -14.04 -5.51
C TYR A 679 21.34 -13.28 -5.28
N GLU A 680 22.14 -13.71 -4.35
CA GLU A 680 23.35 -13.01 -4.07
C GLU A 680 24.26 -13.08 -5.26
N ASP A 681 24.28 -14.23 -5.90
CA ASP A 681 25.12 -14.47 -7.03
C ASP A 681 24.79 -13.58 -8.21
N ILE A 682 23.52 -13.46 -8.50
CA ILE A 682 23.09 -12.64 -9.60
C ILE A 682 23.50 -11.21 -9.36
N ALA A 683 23.32 -10.76 -8.14
CA ALA A 683 23.65 -9.42 -7.78
C ALA A 683 25.12 -9.19 -7.87
N VAL A 684 25.89 -10.15 -7.42
CA VAL A 684 27.32 -10.03 -7.45
C VAL A 684 27.86 -9.95 -8.85
N LYS A 685 27.29 -10.71 -9.75
CA LYS A 685 27.76 -10.70 -11.11
C LYS A 685 27.57 -9.35 -11.74
N LEU A 686 26.41 -8.74 -11.52
CA LEU A 686 26.14 -7.44 -12.09
C LEU A 686 27.12 -6.43 -11.53
N GLY A 687 27.42 -6.58 -10.27
CA GLY A 687 28.34 -5.70 -9.58
C GLY A 687 29.75 -5.79 -10.07
N THR A 688 30.15 -6.99 -10.44
CA THR A 688 31.50 -7.26 -10.88
C THR A 688 31.76 -7.34 -12.39
N ASP A 689 30.87 -7.96 -13.14
CA ASP A 689 31.08 -8.06 -14.56
C ASP A 689 30.40 -6.92 -15.25
N LEU A 690 31.14 -5.87 -15.54
CA LEU A 690 30.58 -4.70 -16.15
C LEU A 690 29.93 -4.85 -17.50
N GLU A 691 30.46 -5.70 -18.35
CA GLU A 691 29.84 -5.88 -19.65
C GLU A 691 28.48 -6.51 -19.51
N TYR A 692 28.36 -7.45 -18.59
CA TYR A 692 27.10 -8.12 -18.34
C TYR A 692 26.11 -7.10 -17.84
N LEU A 693 26.58 -6.20 -17.00
CA LEU A 693 25.73 -5.20 -16.43
C LEU A 693 25.21 -4.37 -17.56
N LYS A 694 26.10 -4.01 -18.46
CA LYS A 694 25.72 -3.20 -19.58
C LYS A 694 24.67 -3.92 -20.34
N LYS A 695 24.89 -5.19 -20.58
CA LYS A 695 23.96 -5.96 -21.35
C LYS A 695 22.61 -6.05 -20.70
N VAL A 696 22.58 -6.38 -19.43
CA VAL A 696 21.32 -6.52 -18.75
C VAL A 696 20.56 -5.20 -18.65
N ARG A 697 21.27 -4.13 -18.34
CA ARG A 697 20.62 -2.86 -18.21
C ARG A 697 20.00 -2.57 -19.54
N GLY A 698 20.73 -2.88 -20.60
CA GLY A 698 20.26 -2.60 -21.93
C GLY A 698 18.98 -3.31 -22.19
N LYS A 699 18.87 -4.53 -21.71
CA LYS A 699 17.67 -5.26 -21.94
C LYS A 699 16.49 -4.59 -21.30
N VAL A 700 16.65 -4.17 -20.07
CA VAL A 700 15.60 -3.53 -19.34
C VAL A 700 15.18 -2.23 -19.97
N TRP A 701 16.15 -1.45 -20.40
CA TRP A 701 15.87 -0.20 -21.01
C TRP A 701 15.07 -0.45 -22.25
N LYS A 702 15.48 -1.41 -23.04
CA LYS A 702 14.77 -1.72 -24.24
C LYS A 702 13.40 -2.33 -24.05
N GLN A 703 13.35 -3.30 -23.17
CA GLN A 703 12.14 -4.06 -22.91
C GLN A 703 10.98 -3.39 -22.23
N ARG A 704 11.24 -2.34 -21.48
CA ARG A 704 10.17 -1.70 -20.79
C ARG A 704 9.24 -1.22 -21.84
N ILE A 705 9.78 -0.71 -22.93
CA ILE A 705 8.97 -0.30 -24.04
C ILE A 705 8.31 -1.40 -24.86
N SER A 706 9.12 -2.35 -25.29
CA SER A 706 8.73 -3.49 -26.11
C SER A 706 7.87 -4.55 -25.46
N SER A 707 8.03 -4.67 -24.16
CA SER A 707 7.33 -5.63 -23.36
C SER A 707 5.92 -5.19 -23.12
N PRO A 708 5.13 -6.04 -22.52
CA PRO A 708 3.74 -5.68 -22.25
C PRO A 708 3.58 -5.17 -20.85
N LEU A 709 4.67 -5.03 -20.12
CA LEU A 709 4.61 -4.61 -18.75
C LEU A 709 4.03 -3.26 -18.54
N PHE A 710 4.42 -2.30 -19.36
CA PHE A 710 3.90 -0.96 -19.22
C PHE A 710 2.86 -0.65 -20.26
N ASN A 711 2.34 -1.66 -20.94
CA ASN A 711 1.36 -1.43 -21.99
C ASN A 711 -0.07 -1.44 -21.52
N THR A 712 -0.57 -0.26 -21.23
CA THR A 712 -1.92 -0.10 -20.72
C THR A 712 -3.02 -0.50 -21.65
N LYS A 713 -2.91 -0.18 -22.92
CA LYS A 713 -3.97 -0.54 -23.82
C LYS A 713 -4.10 -2.03 -23.92
N GLN A 714 -2.98 -2.68 -24.05
CA GLN A 714 -2.97 -4.11 -24.14
C GLN A 714 -3.47 -4.73 -22.87
N TYR A 715 -3.07 -4.15 -21.75
CA TYR A 715 -3.48 -4.69 -20.49
C TYR A 715 -4.95 -4.62 -20.36
N THR A 716 -5.50 -3.49 -20.71
CA THR A 716 -6.91 -3.31 -20.60
C THR A 716 -7.60 -4.31 -21.46
N MET A 717 -7.06 -4.55 -22.63
CA MET A 717 -7.65 -5.50 -23.53
C MET A 717 -7.65 -6.89 -22.95
N GLU A 718 -6.55 -7.28 -22.35
CA GLU A 718 -6.42 -8.60 -21.77
C GLU A 718 -7.42 -8.73 -20.67
N LEU A 719 -7.61 -7.65 -19.94
CA LEU A 719 -8.51 -7.61 -18.82
C LEU A 719 -9.94 -7.81 -19.24
N GLU A 720 -10.30 -7.15 -20.33
CA GLU A 720 -11.64 -7.24 -20.83
C GLU A 720 -11.90 -8.68 -21.15
N ARG A 721 -10.87 -9.33 -21.64
CA ARG A 721 -10.96 -10.70 -22.02
C ARG A 721 -11.32 -11.54 -20.82
N LEU A 722 -10.67 -11.28 -19.70
CA LEU A 722 -10.91 -12.01 -18.49
C LEU A 722 -12.30 -11.83 -17.97
N TYR A 723 -12.80 -10.62 -18.05
CA TYR A 723 -14.11 -10.37 -17.52
C TYR A 723 -15.15 -11.20 -18.21
N LEU A 724 -15.10 -11.19 -19.53
CA LEU A 724 -16.09 -11.92 -20.30
C LEU A 724 -16.06 -13.38 -19.96
N GLN A 725 -14.88 -13.91 -19.72
CA GLN A 725 -14.77 -15.29 -19.38
C GLN A 725 -15.55 -15.43 -18.12
N MET A 726 -15.40 -14.47 -17.24
CA MET A 726 -16.10 -14.55 -16.00
C MET A 726 -17.57 -14.54 -16.24
N TRP A 727 -18.02 -13.59 -17.04
CA TRP A 727 -19.44 -13.43 -17.29
C TRP A 727 -20.10 -14.60 -17.94
N GLU A 728 -19.45 -15.18 -18.91
CA GLU A 728 -20.05 -16.29 -19.58
C GLU A 728 -20.26 -17.38 -18.57
N HIS A 729 -19.26 -17.59 -17.75
CA HIS A 729 -19.36 -18.65 -16.79
C HIS A 729 -20.57 -18.40 -15.97
N TYR A 730 -20.73 -17.18 -15.51
CA TYR A 730 -21.87 -16.89 -14.68
C TYR A 730 -23.17 -17.01 -15.41
N ALA A 731 -23.20 -16.55 -16.64
CA ALA A 731 -24.42 -16.59 -17.42
C ALA A 731 -24.86 -18.03 -17.59
N ALA A 732 -23.90 -18.91 -17.64
CA ALA A 732 -24.16 -20.31 -17.82
C ALA A 732 -24.73 -20.88 -16.54
N GLY A 733 -24.95 -20.05 -15.55
CA GLY A 733 -25.51 -20.56 -14.32
C GLY A 733 -24.48 -21.22 -13.43
N ASN A 734 -23.23 -21.04 -13.77
CA ASN A 734 -22.17 -21.64 -13.01
C ASN A 734 -21.62 -20.76 -11.91
N LYS A 735 -21.28 -21.37 -10.79
CA LYS A 735 -20.69 -20.66 -9.68
C LYS A 735 -19.23 -20.47 -10.02
N PRO A 736 -18.55 -19.55 -9.35
CA PRO A 736 -17.16 -19.27 -9.63
C PRO A 736 -16.20 -20.43 -9.48
N ASP A 737 -15.27 -20.47 -10.43
CA ASP A 737 -14.24 -21.48 -10.49
C ASP A 737 -13.01 -20.84 -11.10
N HIS A 738 -11.84 -21.44 -10.93
CA HIS A 738 -10.63 -20.83 -11.44
C HIS A 738 -10.58 -20.63 -12.93
N MET A 739 -9.99 -19.51 -13.33
CA MET A 739 -9.90 -19.13 -14.71
C MET A 739 -8.47 -19.16 -15.16
N ILE A 740 -8.06 -20.27 -15.74
CA ILE A 740 -6.73 -20.38 -16.23
C ILE A 740 -6.78 -20.66 -17.71
N LYS A 741 -7.82 -20.12 -18.36
CA LYS A 741 -8.09 -20.27 -19.79
C LYS A 741 -7.41 -21.45 -20.48
N1 UDP B . 7.54 7.06 -3.69
C2 UDP B . 7.65 8.42 -3.92
N3 UDP B . 8.82 9.01 -3.65
C4 UDP B . 9.87 8.34 -3.11
C5 UDP B . 9.78 6.98 -2.85
C6 UDP B . 8.56 6.37 -3.16
O2 UDP B . 6.69 9.08 -4.40
O4 UDP B . 10.91 8.98 -2.87
C1' UDP B . 6.27 6.49 -3.93
C2' UDP B . 6.16 5.28 -4.77
O2' UDP B . 6.23 5.73 -6.12
C3' UDP B . 4.79 4.79 -4.34
C4' UDP B . 4.77 5.14 -2.85
O4' UDP B . 5.76 6.15 -2.64
O3' UDP B . 3.76 5.46 -5.06
C5' UDP B . 5.14 3.95 -1.97
O5' UDP B . 3.98 3.17 -1.87
PA UDP B . 3.97 1.70 -1.32
O1A UDP B . 2.50 1.39 -1.27
O2A UDP B . 4.91 1.83 -0.19
O3A UDP B . 4.66 0.99 -2.54
PB UDP B . 4.37 -0.48 -3.12
O1B UDP B . 4.08 -1.33 -1.91
O2B UDP B . 3.20 -0.46 -4.05
O3B UDP B . 5.72 -0.61 -3.83
C1 NAG C . -0.06 -0.30 -2.39
C2 NAG C . 0.11 -1.80 -2.30
C3 NAG C . 0.31 -2.42 -3.67
C4 NAG C . -0.79 -1.98 -4.60
C5 NAG C . -0.74 -0.50 -4.73
C6 NAG C . -1.89 0.03 -5.58
C7 NAG C . 1.21 -2.87 -0.40
C8 NAG C . 2.51 -3.22 0.31
N2 NAG C . 1.28 -2.17 -1.53
O3 NAG C . 0.26 -3.85 -3.59
O4 NAG C . -0.62 -2.57 -5.88
O5 NAG C . -0.94 0.03 -3.45
O6 NAG C . -3.17 -0.07 -4.92
O7 NAG C . 0.15 -3.20 0.04
C1 NAG D . 0.20 2.50 6.98
C2 NAG D . 1.27 3.21 7.88
C3 NAG D . 1.07 2.89 9.40
C4 NAG D . -0.41 3.02 9.81
C5 NAG D . -1.38 2.38 8.83
C6 NAG D . -2.39 3.47 8.37
C7 NAG D . 3.67 4.07 7.75
C8 NAG D . 5.07 3.99 7.20
N2 NAG D . 2.69 3.16 7.37
O3 NAG D . 1.79 3.84 10.23
O4 NAG D . -0.75 2.43 11.05
O5 NAG D . -0.56 1.67 7.85
O6 NAG D . -3.32 3.83 9.43
O7 NAG D . 3.47 4.97 8.59
C1 NAG E . -8.28 4.68 11.24
C2 NAG E . -9.80 4.60 11.40
C3 NAG E . -10.37 5.62 10.41
C4 NAG E . -9.84 7.00 10.88
C5 NAG E . -8.28 7.07 10.97
C6 NAG E . -7.65 8.34 11.62
C7 NAG E . -11.17 2.61 10.72
C8 NAG E . -11.26 1.10 10.94
N2 NAG E . -10.18 3.19 11.37
O3 NAG E . -11.82 5.63 10.33
O4 NAG E . -10.43 7.98 9.99
O5 NAG E . -7.80 5.95 11.72
O6 NAG E . -6.39 8.11 12.34
O7 NAG E . -11.94 3.22 10.00
#